data_7QJG
#
_entry.id   7QJG
#
_cell.length_a   93.46
_cell.length_b   178.446
_cell.length_c   50.497
_cell.angle_alpha   90
_cell.angle_beta   90
_cell.angle_gamma   90
#
_symmetry.space_group_name_H-M   'P 21 21 2'
#
loop_
_entity.id
_entity.type
_entity.pdbx_description
1 polymer 'Polycomb protein EED'
2 polymer 'Histone-lysine N-methyltransferase EZH2'
3 non-polymer 'CHLORIDE ION'
4 non-polymer N-(2,3-dihydro-1-benzofuran-7-ylmethyl)-8-[4-[(dimethylamino)methyl]phenyl]-[1,2,4]triazolo[4,3-c]pyrimidin-5-amine
5 water water
#
loop_
_entity_poly.entity_id
_entity_poly.type
_entity_poly.pdbx_seq_one_letter_code
_entity_poly.pdbx_strand_id
1 'polypeptide(L)'
;GKCKYSFKCVNSLKEDHNQPLFGVQFNWHSKEGDPLVFATVGSNRVTLYECHSQGEIRLLQSYVDADADENFYTCAWTYD
SNTSHPLLAVAGSRGIIRIINPITMQCIKHYVGHGNAINELKFHPRDPNLLLSVSKDHALRLWNIQTDTLVAIFGGVEGH
RDEVLSADYDLLGEKIMSCGMDHSLKLWRINSKRMMNAIKESYDYNPNKTNRPFISQKIHFPDFSTRDIHRNYVDCVRWL
GDLILSKSCENAIVCWKPGKMEDDIDKIKPSESNVTILGRFDYSQCDIWYMRFSMDFWQKMLALGNQVGKLYVWDLEVED
PHKAKCTTLTHHKCGAAIRQTSFSRDSSILIAVCDDASIWRWDRLR
;
A,B
2 'polypeptide(L)' SMFSSNRQKILERTEILNQEWKQRRIQPV C,D
#
loop_
_chem_comp.id
_chem_comp.type
_chem_comp.name
_chem_comp.formula
CL non-polymer 'CHLORIDE ION' 'Cl -1'
EKR non-polymer N-(2,3-dihydro-1-benzofuran-7-ylmethyl)-8-[4-[(dimethylamino)methyl]phenyl]-[1,2,4]triazolo[4,3-c]pyrimidin-5-amine 'C23 H24 N6 O'
#
# COMPACT_ATOMS: atom_id res chain seq x y z
N LYS A 2 31.62 -24.90 -6.83
CA LYS A 2 32.68 -24.31 -6.01
C LYS A 2 32.59 -22.79 -5.99
N CYS A 3 32.98 -22.17 -4.88
CA CYS A 3 32.94 -20.72 -4.73
C CYS A 3 34.02 -19.98 -5.54
N LYS A 4 33.64 -18.82 -6.09
CA LYS A 4 34.57 -17.98 -6.84
C LYS A 4 34.83 -16.61 -6.16
N TYR A 5 34.08 -16.27 -5.08
CA TYR A 5 34.24 -14.98 -4.41
C TYR A 5 35.62 -14.78 -3.78
N SER A 6 36.25 -13.65 -4.09
CA SER A 6 37.56 -13.32 -3.54
C SER A 6 37.56 -11.87 -3.03
N PHE A 7 38.30 -11.60 -1.95
CA PHE A 7 38.33 -10.26 -1.34
C PHE A 7 39.76 -9.84 -1.02
N LYS A 8 39.98 -8.53 -0.92
CA LYS A 8 41.28 -7.99 -0.59
C LYS A 8 41.08 -7.05 0.60
N CYS A 9 41.98 -7.13 1.59
CA CYS A 9 41.88 -6.22 2.73
C CYS A 9 42.51 -4.92 2.30
N VAL A 10 41.71 -3.86 2.23
CA VAL A 10 42.21 -2.59 1.74
C VAL A 10 42.48 -1.57 2.83
N ASN A 11 41.94 -1.75 4.04
CA ASN A 11 42.12 -0.77 5.11
C ASN A 11 41.70 -1.28 6.46
N SER A 12 42.20 -0.65 7.49
CA SER A 12 41.79 -0.92 8.84
C SER A 12 42.03 0.35 9.68
N LEU A 13 41.32 0.46 10.79
CA LEU A 13 41.52 1.53 11.75
C LEU A 13 41.10 1.06 13.15
N LYS A 14 41.42 1.83 14.19
CA LYS A 14 41.04 1.50 15.55
C LYS A 14 40.33 2.71 16.13
N GLU A 15 39.17 2.50 16.78
CA GLU A 15 38.47 3.62 17.43
C GLU A 15 39.23 3.94 18.72
N ASP A 16 39.38 5.23 19.08
CA ASP A 16 40.24 5.59 20.23
C ASP A 16 39.70 5.22 21.60
N HIS A 17 38.44 4.73 21.71
CA HIS A 17 37.92 4.32 23.01
C HIS A 17 38.49 2.97 23.48
N ASN A 18 39.07 2.17 22.56
CA ASN A 18 39.69 0.85 22.81
C ASN A 18 38.76 -0.21 23.39
N GLN A 19 37.46 -0.02 23.29
CA GLN A 19 36.49 -0.98 23.82
C GLN A 19 35.98 -1.88 22.71
N PRO A 20 35.51 -3.11 23.05
CA PRO A 20 34.98 -3.99 22.01
C PRO A 20 33.85 -3.38 21.18
N LEU A 21 33.85 -3.68 19.88
CA LEU A 21 32.80 -3.21 18.98
C LEU A 21 31.89 -4.43 18.77
N PHE A 22 30.61 -4.30 19.14
CA PHE A 22 29.68 -5.42 19.06
C PHE A 22 28.77 -5.39 17.86
N GLY A 23 28.57 -4.22 17.27
CA GLY A 23 27.65 -4.07 16.17
C GLY A 23 28.27 -3.29 15.02
N VAL A 24 27.88 -3.65 13.80
CA VAL A 24 28.27 -2.96 12.57
C VAL A 24 27.15 -3.18 11.55
N GLN A 25 26.71 -2.10 10.88
CA GLN A 25 25.66 -2.21 9.90
C GLN A 25 25.88 -1.18 8.81
N PHE A 26 25.87 -1.63 7.56
CA PHE A 26 25.82 -0.71 6.44
C PHE A 26 24.36 -0.24 6.35
N ASN A 27 24.15 1.00 5.90
CA ASN A 27 22.83 1.55 5.67
C ASN A 27 22.38 1.01 4.31
N TRP A 28 21.53 -0.02 4.29
CA TRP A 28 21.00 -0.55 3.03
C TRP A 28 19.85 0.31 2.44
N HIS A 29 19.43 1.38 3.13
CA HIS A 29 18.39 2.27 2.61
C HIS A 29 18.93 3.34 1.67
N SER A 30 20.25 3.59 1.70
CA SER A 30 20.83 4.61 0.81
C SER A 30 20.61 4.24 -0.66
N LYS A 31 20.23 5.24 -1.48
CA LYS A 31 19.93 4.98 -2.87
C LYS A 31 21.18 4.72 -3.71
N GLU A 32 21.01 4.03 -4.84
CA GLU A 32 22.09 3.66 -5.74
C GLU A 32 22.81 4.92 -6.21
N GLY A 33 24.14 4.91 -6.08
CA GLY A 33 24.95 6.06 -6.43
C GLY A 33 25.41 6.86 -5.24
N ASP A 34 24.62 6.85 -4.16
CA ASP A 34 24.97 7.58 -2.93
C ASP A 34 26.10 6.86 -2.18
N PRO A 35 26.89 7.60 -1.39
CA PRO A 35 28.04 6.98 -0.70
C PRO A 35 27.64 5.87 0.28
N LEU A 36 28.47 4.81 0.33
CA LEU A 36 28.23 3.66 1.20
C LEU A 36 28.58 4.01 2.64
N VAL A 37 27.57 3.99 3.51
CA VAL A 37 27.75 4.40 4.89
C VAL A 37 27.51 3.25 5.84
N PHE A 38 28.33 3.15 6.90
CA PHE A 38 28.08 2.11 7.91
C PHE A 38 28.21 2.70 9.30
N ALA A 39 27.53 2.09 10.26
CA ALA A 39 27.59 2.50 11.65
C ALA A 39 28.30 1.40 12.46
N THR A 40 29.03 1.79 13.52
CA THR A 40 29.64 0.83 14.45
C THR A 40 29.13 1.18 15.86
N VAL A 41 28.97 0.17 16.71
CA VAL A 41 28.53 0.41 18.08
C VAL A 41 29.37 -0.39 19.03
N GLY A 42 29.65 0.22 20.15
CA GLY A 42 30.44 -0.38 21.22
C GLY A 42 30.68 0.65 22.29
N SER A 43 30.94 0.20 23.54
CA SER A 43 31.08 1.14 24.68
C SER A 43 29.77 2.03 24.76
N ASN A 44 29.81 3.32 25.13
CA ASN A 44 28.62 4.17 25.04
C ASN A 44 28.69 4.98 23.71
N ARG A 45 29.27 4.38 22.64
CA ARG A 45 29.50 5.04 21.36
C ARG A 45 28.79 4.46 20.13
N VAL A 46 28.42 5.35 19.22
CA VAL A 46 27.84 5.04 17.93
C VAL A 46 28.65 5.87 16.93
N THR A 47 29.34 5.24 15.98
CA THR A 47 30.16 5.99 15.04
C THR A 47 29.76 5.72 13.59
N LEU A 48 29.70 6.76 12.77
CA LEU A 48 29.33 6.65 11.37
C LEU A 48 30.53 6.87 10.46
N TYR A 49 30.65 6.05 9.41
CA TYR A 49 31.74 6.12 8.44
C TYR A 49 31.20 6.02 7.05
N GLU A 50 31.92 6.60 6.10
CA GLU A 50 31.61 6.56 4.69
C GLU A 50 32.76 5.82 3.97
N CYS A 51 32.47 4.94 3.03
CA CYS A 51 33.48 4.23 2.27
C CYS A 51 33.75 4.96 0.98
N HIS A 52 35.02 5.18 0.69
CA HIS A 52 35.45 5.85 -0.52
C HIS A 52 36.47 5.00 -1.29
N SER A 53 36.86 5.44 -2.50
CA SER A 53 37.80 4.68 -3.31
C SER A 53 39.18 4.50 -2.62
N GLN A 54 39.96 3.52 -3.09
CA GLN A 54 41.27 3.19 -2.57
C GLN A 54 41.23 2.85 -1.08
N GLY A 55 40.16 2.14 -0.68
CA GLY A 55 39.95 1.69 0.68
C GLY A 55 39.73 2.76 1.73
N GLU A 56 39.59 4.04 1.34
CA GLU A 56 39.38 5.09 2.33
C GLU A 56 38.10 4.88 3.22
N ILE A 57 38.28 4.98 4.54
CA ILE A 57 37.18 4.93 5.47
C ILE A 57 37.15 6.32 6.11
N ARG A 58 36.13 7.09 5.78
CA ARG A 58 36.04 8.46 6.23
C ARG A 58 35.10 8.60 7.44
N LEU A 59 35.63 9.10 8.56
CA LEU A 59 34.86 9.33 9.78
C LEU A 59 33.86 10.47 9.55
N LEU A 60 32.55 10.20 9.74
CA LEU A 60 31.52 11.21 9.56
C LEU A 60 31.09 11.88 10.88
N GLN A 61 30.58 11.11 11.85
CA GLN A 61 30.08 11.65 13.11
C GLN A 61 30.27 10.62 14.23
N SER A 62 30.47 11.10 15.46
CA SER A 62 30.69 10.25 16.62
C SER A 62 29.70 10.63 17.72
N TYR A 63 28.77 9.74 18.03
CA TYR A 63 27.79 9.94 19.09
C TYR A 63 28.35 9.37 20.39
N VAL A 64 28.24 10.12 21.49
CA VAL A 64 28.67 9.65 22.80
C VAL A 64 27.46 9.78 23.73
N ASP A 65 26.95 8.65 24.24
CA ASP A 65 25.78 8.68 25.12
C ASP A 65 26.07 9.46 26.40
N ALA A 66 25.06 10.20 26.89
CA ALA A 66 25.15 10.97 28.14
C ALA A 66 25.50 10.04 29.32
N ASP A 67 24.93 8.83 29.32
CA ASP A 67 25.21 7.82 30.33
C ASP A 67 26.54 7.15 30.01
N ALA A 68 27.57 7.40 30.82
CA ALA A 68 28.90 6.82 30.62
C ALA A 68 28.94 5.29 30.84
N ASP A 69 27.96 4.74 31.55
CA ASP A 69 27.93 3.30 31.81
C ASP A 69 27.05 2.50 30.84
N GLU A 70 26.60 3.14 29.75
CA GLU A 70 25.83 2.44 28.75
C GLU A 70 26.79 1.60 27.89
N ASN A 71 26.36 0.39 27.48
CA ASN A 71 27.17 -0.43 26.58
CA ASN A 71 27.16 -0.46 26.62
C ASN A 71 26.28 -0.87 25.44
N PHE A 72 26.44 -0.23 24.28
CA PHE A 72 25.61 -0.57 23.13
C PHE A 72 25.98 -1.93 22.58
N TYR A 73 24.98 -2.74 22.27
CA TYR A 73 25.21 -4.08 21.73
C TYR A 73 24.74 -4.24 20.28
N THR A 74 23.89 -3.34 19.79
CA THR A 74 23.23 -3.50 18.50
C THR A 74 22.78 -2.18 17.91
N CYS A 75 22.66 -2.16 16.58
CA CYS A 75 22.10 -1.01 15.89
C CYS A 75 21.39 -1.47 14.63
N ALA A 76 20.46 -0.63 14.12
CA ALA A 76 19.70 -0.98 12.94
C ALA A 76 19.25 0.31 12.25
N TRP A 77 19.34 0.33 10.94
CA TRP A 77 18.94 1.50 10.17
C TRP A 77 17.48 1.45 9.71
N THR A 78 16.87 2.62 9.62
CA THR A 78 15.55 2.77 9.03
C THR A 78 15.49 4.15 8.32
N TYR A 79 14.30 4.59 7.93
CA TYR A 79 14.07 5.89 7.36
C TYR A 79 12.69 6.37 7.85
N ASP A 80 12.53 7.68 7.87
CA ASP A 80 11.26 8.32 8.23
C ASP A 80 10.39 8.16 6.98
N SER A 81 9.25 7.48 7.09
CA SER A 81 8.38 7.24 5.94
C SER A 81 7.72 8.50 5.35
N ASN A 82 7.77 9.64 6.06
CA ASN A 82 7.14 10.88 5.56
C ASN A 82 8.12 11.83 4.91
N THR A 83 9.35 11.87 5.42
CA THR A 83 10.36 12.80 4.92
C THR A 83 11.54 12.14 4.19
N SER A 84 11.61 10.80 4.17
CA SER A 84 12.71 10.05 3.53
C SER A 84 14.07 10.19 4.26
N HIS A 85 14.10 10.83 5.42
CA HIS A 85 15.32 11.07 6.20
C HIS A 85 15.81 9.74 6.80
N PRO A 86 17.11 9.38 6.70
CA PRO A 86 17.58 8.13 7.35
C PRO A 86 17.54 8.25 8.87
N LEU A 87 17.35 7.11 9.56
CA LEU A 87 17.31 7.06 11.01
C LEU A 87 18.14 5.85 11.48
N LEU A 88 18.68 5.93 12.69
CA LEU A 88 19.45 4.84 13.25
C LEU A 88 18.98 4.53 14.67
N ALA A 89 18.57 3.28 14.93
CA ALA A 89 18.17 2.86 16.27
C ALA A 89 19.36 2.14 16.92
N VAL A 90 19.65 2.41 18.18
CA VAL A 90 20.75 1.79 18.94
C VAL A 90 20.22 1.37 20.32
N ALA A 91 20.84 0.34 20.92
CA ALA A 91 20.43 -0.17 22.24
C ALA A 91 21.50 -1.12 22.81
N GLY A 92 21.48 -1.33 24.11
CA GLY A 92 22.41 -2.22 24.77
C GLY A 92 22.05 -2.53 26.21
N SER A 93 23.06 -2.50 27.08
CA SER A 93 22.93 -2.86 28.49
C SER A 93 21.84 -2.14 29.29
N ARG A 94 21.58 -0.85 29.00
CA ARG A 94 20.55 -0.12 29.74
C ARG A 94 19.11 -0.56 29.46
N GLY A 95 18.91 -1.29 28.36
CA GLY A 95 17.58 -1.70 27.95
C GLY A 95 16.76 -0.54 27.40
N ILE A 96 17.45 0.49 26.86
CA ILE A 96 16.77 1.66 26.31
C ILE A 96 17.05 1.77 24.80
N ILE A 97 15.99 1.89 23.99
CA ILE A 97 16.15 2.06 22.54
C ILE A 97 16.28 3.55 22.25
N ARG A 98 17.29 3.95 21.50
CA ARG A 98 17.45 5.35 21.13
C ARG A 98 17.35 5.49 19.63
N ILE A 99 16.52 6.42 19.17
CA ILE A 99 16.37 6.71 17.75
C ILE A 99 17.19 7.99 17.52
N ILE A 100 18.25 7.88 16.74
CA ILE A 100 19.16 9.00 16.47
C ILE A 100 19.05 9.49 15.03
N ASN A 101 19.13 10.81 14.86
CA ASN A 101 19.17 11.40 13.53
C ASN A 101 20.65 11.25 13.12
N PRO A 102 20.98 10.40 12.12
CA PRO A 102 22.38 10.19 11.76
C PRO A 102 23.09 11.41 11.17
N ILE A 103 22.33 12.39 10.68
CA ILE A 103 22.89 13.60 10.09
C ILE A 103 23.38 14.57 11.21
N THR A 104 22.66 14.66 12.35
CA THR A 104 23.03 15.57 13.44
C THR A 104 23.56 14.92 14.75
N MET A 105 23.35 13.61 14.91
CA MET A 105 23.66 12.83 16.12
C MET A 105 22.76 13.22 17.32
N GLN A 106 21.59 13.82 17.05
CA GLN A 106 20.65 14.12 18.13
C GLN A 106 19.83 12.86 18.38
N CYS A 107 19.57 12.54 19.66
CA CYS A 107 18.67 11.45 19.99
C CYS A 107 17.29 12.09 19.85
N ILE A 108 16.52 11.67 18.84
CA ILE A 108 15.18 12.17 18.56
C ILE A 108 14.23 11.69 19.65
N LYS A 109 14.31 10.41 19.99
CA LYS A 109 13.42 9.84 20.98
C LYS A 109 13.95 8.52 21.53
N HIS A 110 13.39 8.07 22.65
CA HIS A 110 13.79 6.81 23.25
C HIS A 110 12.58 5.95 23.67
N TYR A 111 12.78 4.62 23.76
CA TYR A 111 11.72 3.71 24.21
C TYR A 111 12.25 2.94 25.41
N VAL A 112 11.51 3.03 26.50
CA VAL A 112 11.80 2.33 27.73
C VAL A 112 10.69 1.26 27.91
N GLY A 113 11.03 0.17 28.58
CA GLY A 113 10.05 -0.89 28.83
C GLY A 113 10.67 -2.24 29.11
N HIS A 114 11.75 -2.61 28.37
CA HIS A 114 12.43 -3.87 28.62
C HIS A 114 13.00 -3.85 30.06
N GLY A 115 12.86 -4.95 30.78
CA GLY A 115 13.37 -5.04 32.15
C GLY A 115 14.88 -5.27 32.24
N ASN A 116 15.54 -5.49 31.09
CA ASN A 116 16.96 -5.78 31.05
C ASN A 116 17.56 -5.39 29.66
N ALA A 117 18.86 -5.62 29.46
CA ALA A 117 19.60 -5.30 28.24
C ALA A 117 18.91 -5.77 26.95
N ILE A 118 19.18 -5.04 25.86
CA ILE A 118 18.70 -5.37 24.54
C ILE A 118 19.87 -5.94 23.72
N ASN A 119 19.70 -7.17 23.22
CA ASN A 119 20.73 -7.90 22.48
C ASN A 119 20.68 -7.69 20.99
N GLU A 120 19.51 -7.32 20.45
CA GLU A 120 19.40 -7.10 19.01
C GLU A 120 18.19 -6.23 18.66
N LEU A 121 18.36 -5.41 17.64
CA LEU A 121 17.30 -4.56 17.05
C LEU A 121 17.16 -4.94 15.59
N LYS A 122 15.91 -5.06 15.09
CA LYS A 122 15.68 -5.35 13.68
C LYS A 122 14.48 -4.55 13.19
N PHE A 123 14.62 -3.92 12.03
CA PHE A 123 13.49 -3.22 11.43
C PHE A 123 12.78 -4.15 10.45
N HIS A 124 11.44 -4.08 10.39
CA HIS A 124 10.61 -4.86 9.45
C HIS A 124 11.05 -4.53 8.00
N PRO A 125 11.13 -5.53 7.11
CA PRO A 125 11.63 -5.28 5.75
C PRO A 125 10.72 -4.51 4.81
N ARG A 126 9.43 -4.36 5.14
CA ARG A 126 8.46 -3.61 4.30
C ARG A 126 7.96 -2.33 4.97
N ASP A 127 7.81 -2.34 6.29
CA ASP A 127 7.32 -1.20 7.04
C ASP A 127 8.45 -0.67 7.90
N PRO A 128 8.96 0.54 7.57
CA PRO A 128 10.12 1.09 8.29
C PRO A 128 9.86 1.58 9.72
N ASN A 129 8.58 1.61 10.13
CA ASN A 129 8.23 2.03 11.48
C ASN A 129 8.18 0.87 12.47
N LEU A 130 8.22 -0.38 12.00
CA LEU A 130 8.10 -1.54 12.89
C LEU A 130 9.48 -2.01 13.34
N LEU A 131 9.80 -1.74 14.60
CA LEU A 131 11.09 -2.07 15.19
C LEU A 131 10.94 -3.23 16.17
N LEU A 132 11.73 -4.28 15.99
CA LEU A 132 11.74 -5.43 16.89
C LEU A 132 12.97 -5.36 17.80
N SER A 133 12.77 -5.51 19.10
CA SER A 133 13.87 -5.55 20.07
C SER A 133 13.85 -6.91 20.79
N VAL A 134 15.02 -7.48 21.06
CA VAL A 134 15.11 -8.80 21.73
C VAL A 134 15.95 -8.58 22.98
N SER A 135 15.49 -9.14 24.12
CA SER A 135 16.09 -8.78 25.37
C SER A 135 16.45 -9.90 26.36
N LYS A 136 17.37 -9.55 27.27
CA LYS A 136 17.78 -10.40 28.38
C LYS A 136 16.59 -10.63 29.34
N ASP A 137 15.46 -9.85 29.23
CA ASP A 137 14.29 -10.06 30.06
C ASP A 137 13.42 -11.26 29.59
N HIS A 138 13.89 -12.04 28.58
CA HIS A 138 13.26 -13.25 28.02
C HIS A 138 12.19 -12.94 26.95
N ALA A 139 11.99 -11.66 26.60
CA ALA A 139 10.94 -11.31 25.66
C ALA A 139 11.45 -10.57 24.43
N LEU A 140 10.64 -10.59 23.36
CA LEU A 140 10.81 -9.77 22.16
C LEU A 140 9.71 -8.70 22.24
N ARG A 141 9.97 -7.50 21.71
CA ARG A 141 8.95 -6.44 21.70
C ARG A 141 8.91 -5.83 20.33
N LEU A 142 7.68 -5.60 19.84
CA LEU A 142 7.48 -4.98 18.53
C LEU A 142 6.95 -3.59 18.79
N TRP A 143 7.62 -2.57 18.25
CA TRP A 143 7.28 -1.17 18.43
C TRP A 143 6.88 -0.51 17.10
N ASN A 144 5.99 0.48 17.17
CA ASN A 144 5.63 1.28 16.00
C ASN A 144 6.23 2.64 16.35
N ILE A 145 7.35 2.98 15.72
CA ILE A 145 8.06 4.23 16.02
C ILE A 145 7.43 5.47 15.34
N GLN A 146 6.35 5.32 14.57
CA GLN A 146 5.65 6.47 14.02
C GLN A 146 4.67 6.99 15.09
N THR A 147 3.94 6.09 15.75
CA THR A 147 2.98 6.49 16.77
C THR A 147 3.50 6.32 18.19
N ASP A 148 4.78 5.85 18.37
CA ASP A 148 5.44 5.64 19.66
C ASP A 148 4.68 4.63 20.53
N THR A 149 4.20 3.55 19.91
CA THR A 149 3.43 2.54 20.62
C THR A 149 4.14 1.20 20.71
N LEU A 150 3.89 0.49 21.77
CA LEU A 150 4.38 -0.86 21.94
C LEU A 150 3.26 -1.75 21.38
N VAL A 151 3.46 -2.31 20.19
CA VAL A 151 2.47 -3.13 19.51
C VAL A 151 2.21 -4.47 20.21
N ALA A 152 3.30 -5.23 20.48
CA ALA A 152 3.20 -6.56 21.06
C ALA A 152 4.45 -6.90 21.86
N ILE A 153 4.27 -7.80 22.83
CA ILE A 153 5.33 -8.38 23.65
C ILE A 153 5.20 -9.89 23.40
N PHE A 154 6.24 -10.50 22.85
CA PHE A 154 6.31 -11.93 22.55
C PHE A 154 7.08 -12.57 23.69
N GLY A 155 6.33 -13.20 24.58
CA GLY A 155 6.88 -13.82 25.77
C GLY A 155 5.79 -14.24 26.74
N GLY A 156 6.17 -14.97 27.78
CA GLY A 156 5.21 -15.45 28.75
C GLY A 156 5.17 -16.96 28.86
N VAL A 157 3.97 -17.55 28.97
CA VAL A 157 3.78 -18.98 29.21
C VAL A 157 4.67 -19.89 28.36
N GLU A 158 4.65 -19.72 27.04
CA GLU A 158 5.50 -20.51 26.14
C GLU A 158 6.56 -19.65 25.39
N GLY A 159 6.90 -18.49 25.93
CA GLY A 159 7.97 -17.68 25.39
C GLY A 159 9.31 -18.21 25.89
N HIS A 160 10.40 -17.49 25.56
CA HIS A 160 11.72 -17.89 25.99
C HIS A 160 11.82 -17.97 27.55
N ARG A 161 12.58 -18.93 28.05
CA ARG A 161 12.80 -19.11 29.49
C ARG A 161 14.12 -18.53 30.01
N ASP A 162 14.88 -17.89 29.13
CA ASP A 162 16.15 -17.25 29.43
C ASP A 162 16.37 -16.11 28.41
N GLU A 163 17.49 -15.40 28.50
CA GLU A 163 17.80 -14.26 27.66
C GLU A 163 17.68 -14.57 26.17
N VAL A 164 17.04 -13.67 25.42
CA VAL A 164 16.88 -13.80 23.97
C VAL A 164 18.09 -13.08 23.39
N LEU A 165 18.81 -13.78 22.51
CA LEU A 165 20.05 -13.28 21.96
C LEU A 165 19.93 -12.72 20.56
N SER A 166 18.97 -13.24 19.78
CA SER A 166 18.86 -12.84 18.38
C SER A 166 17.47 -13.11 17.83
N ALA A 167 17.13 -12.42 16.73
CA ALA A 167 15.87 -12.64 16.02
C ALA A 167 15.98 -12.11 14.59
N ASP A 168 15.08 -12.59 13.70
CA ASP A 168 15.12 -12.15 12.32
C ASP A 168 13.75 -12.26 11.72
N TYR A 169 13.40 -11.26 10.91
CA TYR A 169 12.16 -11.31 10.15
C TYR A 169 12.50 -12.11 8.88
N ASP A 170 11.51 -12.80 8.30
CA ASP A 170 11.69 -13.44 7.00
C ASP A 170 11.71 -12.30 5.90
N LEU A 171 11.99 -12.63 4.64
CA LEU A 171 12.11 -11.62 3.58
C LEU A 171 10.91 -10.68 3.43
N LEU A 172 9.70 -11.22 3.47
CA LEU A 172 8.50 -10.41 3.28
C LEU A 172 7.91 -9.83 4.58
N GLY A 173 8.47 -10.19 5.73
CA GLY A 173 8.03 -9.64 7.01
C GLY A 173 6.72 -10.21 7.50
N GLU A 174 6.51 -11.48 7.23
CA GLU A 174 5.31 -12.20 7.70
C GLU A 174 5.55 -12.92 9.03
N LYS A 175 6.82 -13.15 9.41
CA LYS A 175 7.12 -13.94 10.61
C LYS A 175 8.53 -13.66 11.11
N ILE A 176 8.74 -14.01 12.39
CA ILE A 176 9.99 -13.82 13.08
C ILE A 176 10.46 -15.14 13.68
N MET A 177 11.77 -15.42 13.59
CA MET A 177 12.35 -16.53 14.32
C MET A 177 13.24 -15.88 15.37
N SER A 178 13.16 -16.31 16.62
CA SER A 178 14.00 -15.80 17.72
C SER A 178 14.77 -16.98 18.37
N CYS A 179 15.85 -16.67 19.08
CA CYS A 179 16.64 -17.70 19.74
C CYS A 179 17.36 -17.14 20.98
N GLY A 180 17.75 -18.02 21.90
CA GLY A 180 18.46 -17.56 23.08
C GLY A 180 19.12 -18.62 23.93
N MET A 181 19.41 -18.20 25.17
CA MET A 181 20.09 -18.99 26.19
C MET A 181 19.36 -20.23 26.63
N ASP A 182 18.04 -20.32 26.36
CA ASP A 182 17.29 -21.52 26.72
C ASP A 182 17.43 -22.65 25.68
N HIS A 183 18.35 -22.47 24.68
CA HIS A 183 18.67 -23.39 23.57
C HIS A 183 17.56 -23.48 22.54
N SER A 184 16.48 -22.68 22.65
CA SER A 184 15.36 -22.83 21.77
C SER A 184 15.28 -21.80 20.67
N LEU A 185 14.67 -22.22 19.56
CA LEU A 185 14.38 -21.37 18.41
C LEU A 185 12.86 -21.34 18.32
N LYS A 186 12.26 -20.12 18.35
CA LYS A 186 10.82 -19.94 18.34
C LYS A 186 10.33 -19.10 17.15
N LEU A 187 9.22 -19.53 16.55
CA LEU A 187 8.62 -18.84 15.43
C LEU A 187 7.44 -18.02 15.93
N TRP A 188 7.33 -16.77 15.49
CA TRP A 188 6.23 -15.88 15.86
C TRP A 188 5.66 -15.29 14.58
N ARG A 189 4.47 -15.73 14.18
CA ARG A 189 3.86 -15.17 12.96
C ARG A 189 3.29 -13.81 13.24
N ILE A 190 3.59 -12.83 12.36
CA ILE A 190 3.00 -11.51 12.48
C ILE A 190 1.99 -11.21 11.34
N ASN A 191 1.73 -12.18 10.44
CA ASN A 191 0.69 -12.07 9.43
C ASN A 191 -0.59 -12.81 9.93
N SER A 192 -0.70 -13.12 11.25
CA SER A 192 -1.92 -13.70 11.77
C SER A 192 -2.95 -12.57 11.78
N LYS A 193 -4.24 -12.92 11.78
CA LYS A 193 -5.30 -11.91 11.81
C LYS A 193 -5.16 -11.03 13.08
N ARG A 194 -4.79 -11.67 14.20
CA ARG A 194 -4.58 -10.97 15.47
C ARG A 194 -3.46 -9.91 15.37
N MET A 195 -2.28 -10.29 14.87
CA MET A 195 -1.14 -9.37 14.77
C MET A 195 -1.33 -8.31 13.68
N MET A 196 -1.95 -8.63 12.53
CA MET A 196 -2.20 -7.62 11.49
C MET A 196 -3.15 -6.56 12.04
N ASN A 197 -4.15 -6.98 12.85
CA ASN A 197 -5.09 -6.04 13.46
C ASN A 197 -4.38 -5.21 14.55
N ALA A 198 -3.53 -5.84 15.39
CA ALA A 198 -2.77 -5.08 16.40
C ALA A 198 -1.88 -3.99 15.74
N ILE A 199 -1.22 -4.34 14.63
CA ILE A 199 -0.39 -3.38 13.90
C ILE A 199 -1.26 -2.23 13.35
N LYS A 200 -2.44 -2.55 12.77
CA LYS A 200 -3.32 -1.52 12.23
C LYS A 200 -3.80 -0.60 13.36
N GLU A 201 -4.15 -1.18 14.53
CA GLU A 201 -4.59 -0.42 15.70
C GLU A 201 -3.51 0.51 16.22
N SER A 202 -2.23 0.07 16.16
CA SER A 202 -1.11 0.92 16.57
C SER A 202 -0.99 2.15 15.67
N TYR A 203 -1.43 2.07 14.40
CA TYR A 203 -1.43 3.22 13.51
C TYR A 203 -2.60 4.14 13.77
N ASP A 204 -3.77 3.60 14.17
CA ASP A 204 -4.94 4.43 14.47
C ASP A 204 -4.81 5.15 15.82
N TYR A 205 -3.84 4.76 16.68
CA TYR A 205 -3.69 5.37 17.99
C TYR A 205 -3.29 6.83 17.87
N ASN A 206 -4.10 7.71 18.46
CA ASN A 206 -3.82 9.15 18.44
C ASN A 206 -4.00 9.69 19.86
N PRO A 207 -2.89 10.13 20.50
CA PRO A 207 -2.99 10.64 21.88
C PRO A 207 -3.79 11.94 22.02
N ASN A 208 -3.66 12.86 21.03
CA ASN A 208 -4.43 14.10 21.08
C ASN A 208 -5.93 13.91 20.73
N LYS A 209 -6.37 12.64 20.55
CA LYS A 209 -7.77 12.29 20.28
C LYS A 209 -8.36 11.34 21.34
N THR A 210 -7.51 10.72 22.19
CA THR A 210 -7.94 9.84 23.27
C THR A 210 -7.01 9.96 24.49
N ASN A 211 -7.56 9.81 25.69
CA ASN A 211 -6.75 9.89 26.92
C ASN A 211 -6.28 8.51 27.42
N ARG A 212 -6.87 7.43 26.93
CA ARG A 212 -6.52 6.06 27.30
C ARG A 212 -5.17 5.67 26.68
N PRO A 213 -4.35 4.90 27.42
CA PRO A 213 -3.08 4.43 26.82
C PRO A 213 -3.32 3.29 25.82
N PHE A 214 -2.37 3.08 24.89
CA PHE A 214 -2.49 2.01 23.89
C PHE A 214 -2.28 0.67 24.58
N ILE A 215 -3.12 -0.33 24.26
CA ILE A 215 -2.98 -1.66 24.84
C ILE A 215 -2.16 -2.57 23.94
N SER A 216 -1.04 -3.05 24.45
CA SER A 216 -0.17 -3.96 23.69
C SER A 216 -0.69 -5.39 23.71
N GLN A 217 -0.46 -6.14 22.61
CA GLN A 217 -0.80 -7.56 22.61
C GLN A 217 0.26 -8.28 23.47
N LYS A 218 -0.18 -9.27 24.22
CA LYS A 218 0.74 -10.11 24.99
C LYS A 218 0.65 -11.47 24.30
N ILE A 219 1.61 -11.77 23.44
CA ILE A 219 1.65 -13.02 22.71
C ILE A 219 2.42 -14.04 23.56
N HIS A 220 1.70 -14.94 24.25
CA HIS A 220 2.34 -15.92 25.13
C HIS A 220 2.78 -17.18 24.43
N PHE A 221 2.27 -17.44 23.22
CA PHE A 221 2.50 -18.71 22.54
C PHE A 221 3.07 -18.53 21.14
N PRO A 222 4.23 -19.14 20.88
CA PRO A 222 4.80 -19.09 19.53
C PRO A 222 4.09 -20.07 18.60
N ASP A 223 4.30 -19.88 17.30
CA ASP A 223 3.75 -20.71 16.23
C ASP A 223 4.57 -21.98 15.91
N PHE A 224 5.73 -22.13 16.57
CA PHE A 224 6.63 -23.27 16.48
C PHE A 224 7.72 -23.06 17.51
N SER A 225 8.21 -24.16 18.07
CA SER A 225 9.33 -24.09 19.03
C SER A 225 10.14 -25.39 18.98
N THR A 226 11.48 -25.28 19.03
CA THR A 226 12.34 -26.45 19.08
C THR A 226 13.56 -26.19 19.95
N ARG A 227 14.00 -27.20 20.69
CA ARG A 227 15.27 -27.20 21.43
C ARG A 227 16.17 -28.36 20.85
N ASP A 228 15.87 -28.87 19.64
CA ASP A 228 16.53 -30.01 19.02
C ASP A 228 17.54 -29.69 17.93
N ILE A 229 17.97 -28.43 17.79
CA ILE A 229 18.95 -28.10 16.77
C ILE A 229 20.35 -28.04 17.41
N HIS A 230 20.47 -27.30 18.50
CA HIS A 230 21.72 -27.10 19.22
C HIS A 230 21.61 -27.61 20.65
N ARG A 231 22.73 -27.93 21.26
CA ARG A 231 22.77 -28.41 22.64
C ARG A 231 23.24 -27.32 23.63
N ASN A 232 23.27 -26.06 23.20
CA ASN A 232 23.71 -24.95 24.05
C ASN A 232 23.00 -23.66 23.62
N TYR A 233 23.43 -22.47 24.14
CA TYR A 233 22.87 -21.16 23.81
C TYR A 233 22.84 -20.97 22.30
N VAL A 234 21.80 -20.33 21.77
CA VAL A 234 21.72 -20.03 20.34
C VAL A 234 21.87 -18.53 20.27
N ASP A 235 23.01 -18.06 19.78
CA ASP A 235 23.27 -16.62 19.78
C ASP A 235 23.05 -15.89 18.44
N CYS A 236 22.67 -16.61 17.37
CA CYS A 236 22.43 -15.97 16.09
C CYS A 236 21.47 -16.81 15.26
N VAL A 237 20.48 -16.16 14.65
CA VAL A 237 19.50 -16.81 13.79
C VAL A 237 19.12 -15.88 12.65
N ARG A 238 19.06 -16.42 11.44
CA ARG A 238 18.59 -15.67 10.27
C ARG A 238 17.78 -16.61 9.40
N TRP A 239 16.80 -16.08 8.67
CA TRP A 239 16.07 -16.85 7.68
C TRP A 239 16.91 -16.99 6.39
N LEU A 240 16.82 -18.13 5.72
CA LEU A 240 17.41 -18.36 4.41
C LEU A 240 16.22 -18.86 3.55
N GLY A 241 15.40 -17.93 3.04
CA GLY A 241 14.18 -18.27 2.33
C GLY A 241 13.19 -18.82 3.33
N ASP A 242 12.71 -20.06 3.12
CA ASP A 242 11.84 -20.75 4.11
C ASP A 242 12.66 -21.57 5.15
N LEU A 243 13.98 -21.67 4.96
CA LEU A 243 14.87 -22.41 5.85
C LEU A 243 15.47 -21.45 6.89
N ILE A 244 16.14 -21.98 7.90
CA ILE A 244 16.73 -21.22 8.98
C ILE A 244 18.21 -21.54 9.09
N LEU A 245 18.98 -20.52 9.41
CA LEU A 245 20.39 -20.65 9.74
C LEU A 245 20.51 -20.23 11.20
N SER A 246 21.16 -21.05 12.01
CA SER A 246 21.38 -20.70 13.41
C SER A 246 22.67 -21.27 13.92
N LYS A 247 23.22 -20.63 14.97
CA LYS A 247 24.47 -21.13 15.53
C LYS A 247 24.47 -21.12 17.04
N SER A 248 25.27 -22.01 17.60
CA SER A 248 25.56 -22.15 19.00
C SER A 248 27.12 -22.06 19.14
N CYS A 249 27.75 -22.81 20.06
CA CYS A 249 29.20 -22.79 20.22
C CYS A 249 29.87 -24.04 19.60
N GLU A 250 29.16 -24.82 18.78
CA GLU A 250 29.68 -26.08 18.25
C GLU A 250 30.48 -25.95 16.93
N ASN A 251 30.96 -24.73 16.61
CA ASN A 251 31.73 -24.41 15.42
C ASN A 251 31.03 -24.80 14.13
N ALA A 252 29.71 -24.62 14.12
CA ALA A 252 28.93 -24.87 12.92
C ALA A 252 27.68 -24.01 12.90
N ILE A 253 27.35 -23.54 11.70
CA ILE A 253 26.07 -22.86 11.48
C ILE A 253 25.17 -24.00 10.91
N VAL A 254 24.02 -24.23 11.53
CA VAL A 254 23.11 -25.29 11.09
C VAL A 254 22.02 -24.75 10.19
N CYS A 255 21.81 -25.39 9.03
CA CYS A 255 20.70 -25.04 8.15
C CYS A 255 19.62 -26.07 8.42
N TRP A 256 18.45 -25.61 8.84
CA TRP A 256 17.36 -26.50 9.21
C TRP A 256 15.98 -25.88 8.86
N LYS A 257 14.93 -26.68 9.06
CA LYS A 257 13.57 -26.20 8.84
C LYS A 257 12.64 -26.90 9.81
N PRO A 258 11.59 -26.21 10.24
CA PRO A 258 10.58 -26.87 11.09
C PRO A 258 9.86 -27.97 10.28
N GLY A 259 9.40 -28.99 11.00
CA GLY A 259 8.67 -30.12 10.43
C GLY A 259 9.54 -31.11 9.68
N LYS A 260 8.90 -32.01 8.94
CA LYS A 260 9.56 -32.99 8.08
C LYS A 260 10.05 -32.30 6.78
N MET A 261 10.90 -32.99 6.01
CA MET A 261 11.52 -32.46 4.80
C MET A 261 10.58 -31.73 3.84
N GLU A 262 9.42 -32.31 3.57
CA GLU A 262 8.45 -31.76 2.62
C GLU A 262 7.42 -30.80 3.23
N ASP A 263 7.49 -30.53 4.55
CA ASP A 263 6.52 -29.66 5.19
C ASP A 263 6.66 -28.18 4.81
N ASP A 264 5.54 -27.56 4.44
CA ASP A 264 5.45 -26.15 4.06
C ASP A 264 5.53 -25.33 5.34
N ILE A 265 6.39 -24.29 5.38
CA ILE A 265 6.55 -23.40 6.53
C ILE A 265 5.23 -22.78 6.96
N ASP A 266 4.35 -22.47 6.00
CA ASP A 266 3.07 -21.84 6.31
C ASP A 266 1.94 -22.84 6.69
N LYS A 267 2.24 -24.14 6.66
CA LYS A 267 1.28 -25.16 7.06
C LYS A 267 1.73 -25.93 8.32
N ILE A 268 2.90 -25.59 8.90
CA ILE A 268 3.32 -26.27 10.12
C ILE A 268 2.41 -25.82 11.28
N LYS A 269 1.97 -26.76 12.09
CA LYS A 269 1.09 -26.45 13.23
C LYS A 269 1.94 -26.05 14.47
N PRO A 270 1.39 -25.25 15.40
CA PRO A 270 2.19 -24.84 16.57
C PRO A 270 2.74 -25.97 17.43
N SER A 271 2.11 -27.16 17.38
CA SER A 271 2.57 -28.32 18.16
C SER A 271 3.54 -29.22 17.38
N GLU A 272 3.96 -28.83 16.15
CA GLU A 272 4.91 -29.61 15.35
C GLU A 272 6.17 -29.98 16.15
N SER A 273 6.38 -31.28 16.35
CA SER A 273 7.50 -31.76 17.16
C SER A 273 8.74 -32.12 16.36
N ASN A 274 8.65 -32.13 15.02
CA ASN A 274 9.79 -32.49 14.19
C ASN A 274 10.53 -31.30 13.62
N VAL A 275 11.82 -31.53 13.30
CA VAL A 275 12.74 -30.61 12.63
C VAL A 275 13.53 -31.42 11.60
N THR A 276 13.99 -30.75 10.56
CA THR A 276 14.78 -31.41 9.52
C THR A 276 16.08 -30.63 9.37
N ILE A 277 17.23 -31.29 9.57
CA ILE A 277 18.53 -30.64 9.38
C ILE A 277 18.88 -30.85 7.91
N LEU A 278 19.25 -29.79 7.21
CA LEU A 278 19.59 -29.87 5.80
C LEU A 278 21.09 -29.82 5.53
N GLY A 279 21.86 -29.22 6.44
CA GLY A 279 23.29 -29.10 6.28
C GLY A 279 23.96 -28.28 7.36
N ARG A 280 25.29 -28.26 7.34
CA ARG A 280 26.07 -27.52 8.32
C ARG A 280 27.22 -26.82 7.64
N PHE A 281 27.49 -25.57 8.04
CA PHE A 281 28.63 -24.81 7.54
C PHE A 281 29.63 -24.85 8.67
N ASP A 282 30.69 -25.64 8.50
CA ASP A 282 31.70 -25.82 9.53
C ASP A 282 32.78 -24.75 9.48
N TYR A 283 33.31 -24.43 10.67
CA TYR A 283 34.40 -23.47 10.86
C TYR A 283 35.15 -23.84 12.15
N SER A 284 36.13 -23.03 12.55
CA SER A 284 36.90 -23.33 13.76
C SER A 284 37.09 -22.10 14.63
N GLN A 285 37.49 -22.33 15.89
CA GLN A 285 37.83 -21.29 16.84
C GLN A 285 36.77 -20.19 16.99
N CYS A 286 35.51 -20.58 17.19
CA CYS A 286 34.41 -19.63 17.39
C CYS A 286 33.43 -20.31 18.35
N ASP A 287 33.96 -20.80 19.48
CA ASP A 287 33.14 -21.45 20.47
C ASP A 287 32.76 -20.57 21.68
N ILE A 288 33.06 -19.26 21.62
CA ILE A 288 32.70 -18.28 22.64
C ILE A 288 31.34 -17.63 22.27
N TRP A 289 30.58 -17.20 23.29
CA TRP A 289 29.28 -16.57 23.10
C TRP A 289 29.34 -15.17 22.52
N TYR A 290 28.27 -14.75 21.82
CA TYR A 290 28.15 -13.42 21.22
C TYR A 290 29.00 -13.24 19.95
N MET A 291 28.76 -14.06 18.93
CA MET A 291 29.50 -14.00 17.67
C MET A 291 28.43 -14.13 16.60
N ARG A 292 28.21 -13.03 15.86
CA ARG A 292 27.14 -12.96 14.89
C ARG A 292 27.57 -13.29 13.45
N PHE A 293 26.73 -14.05 12.71
CA PHE A 293 26.97 -14.25 11.28
C PHE A 293 26.02 -13.30 10.51
N SER A 294 26.34 -13.01 9.26
CA SER A 294 25.57 -12.11 8.42
C SER A 294 25.50 -12.61 6.99
N MET A 295 24.56 -12.07 6.22
CA MET A 295 24.45 -12.35 4.81
C MET A 295 24.37 -11.03 4.02
N ASP A 296 24.67 -11.10 2.73
CA ASP A 296 24.50 -9.96 1.86
C ASP A 296 22.98 -9.82 1.51
N PHE A 297 22.59 -8.71 0.86
CA PHE A 297 21.19 -8.46 0.52
C PHE A 297 20.55 -9.61 -0.28
N TRP A 298 21.25 -10.07 -1.32
CA TRP A 298 20.72 -11.13 -2.17
C TRP A 298 20.82 -12.54 -1.60
N GLN A 299 21.41 -12.68 -0.39
CA GLN A 299 21.58 -13.97 0.28
C GLN A 299 22.35 -14.96 -0.59
N LYS A 300 23.40 -14.45 -1.21
CA LYS A 300 24.35 -15.23 -2.01
C LYS A 300 25.65 -15.49 -1.23
N MET A 301 25.90 -14.72 -0.15
CA MET A 301 27.09 -14.88 0.67
C MET A 301 26.74 -14.91 2.14
N LEU A 302 27.47 -15.73 2.88
CA LEU A 302 27.32 -15.90 4.31
C LEU A 302 28.69 -15.61 4.92
N ALA A 303 28.75 -14.75 5.93
CA ALA A 303 30.02 -14.40 6.57
C ALA A 303 29.97 -14.55 8.09
N LEU A 304 31.08 -14.99 8.68
CA LEU A 304 31.20 -15.11 10.13
C LEU A 304 32.65 -14.94 10.56
N GLY A 305 32.88 -14.09 11.55
CA GLY A 305 34.21 -13.92 12.13
C GLY A 305 34.43 -14.89 13.27
N ASN A 306 35.70 -15.20 13.58
CA ASN A 306 36.03 -16.11 14.67
C ASN A 306 36.83 -15.39 15.77
N GLN A 307 37.14 -16.08 16.87
CA GLN A 307 37.80 -15.48 18.03
C GLN A 307 39.26 -15.08 17.81
N VAL A 308 39.90 -15.50 16.72
CA VAL A 308 41.31 -15.14 16.48
C VAL A 308 41.50 -14.22 15.25
N GLY A 309 40.43 -13.58 14.79
CA GLY A 309 40.47 -12.62 13.69
C GLY A 309 40.29 -13.16 12.29
N LYS A 310 39.90 -14.43 12.13
CA LYS A 310 39.65 -14.98 10.78
C LYS A 310 38.21 -14.68 10.37
N LEU A 311 38.01 -14.44 9.09
CA LEU A 311 36.68 -14.12 8.57
C LEU A 311 36.30 -15.18 7.54
N TYR A 312 35.34 -16.03 7.86
CA TYR A 312 34.90 -17.08 6.96
C TYR A 312 33.79 -16.56 6.05
N VAL A 313 33.81 -16.99 4.79
CA VAL A 313 32.80 -16.61 3.82
C VAL A 313 32.38 -17.86 3.05
N TRP A 314 31.09 -18.05 2.82
CA TRP A 314 30.57 -19.17 2.05
C TRP A 314 29.68 -18.65 0.89
N ASP A 315 29.69 -19.36 -0.24
CA ASP A 315 28.85 -19.05 -1.39
C ASP A 315 27.56 -19.84 -1.19
N LEU A 316 26.46 -19.15 -0.87
CA LEU A 316 25.18 -19.81 -0.65
C LEU A 316 24.51 -20.36 -1.92
N GLU A 317 25.08 -20.07 -3.10
CA GLU A 317 24.56 -20.64 -4.34
C GLU A 317 25.18 -22.02 -4.65
N VAL A 318 26.06 -22.54 -3.77
CA VAL A 318 26.66 -23.85 -3.91
C VAL A 318 25.90 -24.73 -2.91
N GLU A 319 25.13 -25.70 -3.42
CA GLU A 319 24.27 -26.56 -2.60
C GLU A 319 24.98 -27.26 -1.41
N ASP A 320 26.11 -27.95 -1.64
CA ASP A 320 26.83 -28.62 -0.56
C ASP A 320 27.67 -27.60 0.24
N PRO A 321 27.41 -27.47 1.55
CA PRO A 321 28.16 -26.49 2.36
C PRO A 321 29.68 -26.69 2.45
N HIS A 322 30.20 -27.88 2.09
CA HIS A 322 31.65 -28.09 2.11
C HIS A 322 32.27 -27.45 0.88
N LYS A 323 31.66 -27.64 -0.29
CA LYS A 323 32.15 -27.00 -1.52
C LYS A 323 31.82 -25.49 -1.59
N ALA A 324 30.91 -25.02 -0.74
CA ALA A 324 30.50 -23.62 -0.65
C ALA A 324 31.56 -22.72 0.00
N LYS A 325 32.51 -23.28 0.75
CA LYS A 325 33.51 -22.49 1.45
C LYS A 325 34.43 -21.68 0.54
N CYS A 326 34.52 -20.37 0.80
CA CYS A 326 35.43 -19.48 0.07
C CYS A 326 36.77 -19.51 0.79
N THR A 327 37.78 -18.84 0.21
CA THR A 327 39.06 -18.68 0.85
C THR A 327 38.81 -17.77 2.08
N THR A 328 39.18 -18.25 3.27
CA THR A 328 39.05 -17.53 4.53
C THR A 328 39.84 -16.23 4.46
N LEU A 329 39.26 -15.16 4.94
CA LEU A 329 39.88 -13.85 4.91
C LEU A 329 40.73 -13.63 6.17
N THR A 330 42.05 -13.54 5.99
CA THR A 330 42.94 -13.33 7.13
C THR A 330 43.91 -12.20 6.85
N HIS A 331 44.27 -11.48 7.90
CA HIS A 331 45.30 -10.45 7.85
C HIS A 331 46.13 -10.71 9.11
N HIS A 332 47.45 -10.80 8.96
CA HIS A 332 48.34 -11.09 10.09
C HIS A 332 48.18 -10.08 11.26
N LYS A 333 47.71 -8.85 11.01
CA LYS A 333 47.47 -7.88 12.11
C LYS A 333 46.05 -7.94 12.74
N CYS A 334 45.16 -8.72 12.14
CA CYS A 334 43.80 -8.86 12.65
C CYS A 334 43.75 -10.12 13.48
N GLY A 335 43.96 -9.98 14.80
CA GLY A 335 44.01 -11.14 15.69
C GLY A 335 42.97 -11.16 16.79
N ALA A 336 42.14 -10.11 16.93
CA ALA A 336 41.09 -10.08 17.97
C ALA A 336 39.77 -10.69 17.45
N ALA A 337 38.84 -11.09 18.37
CA ALA A 337 37.56 -11.68 17.98
C ALA A 337 36.76 -10.74 17.08
N ILE A 338 36.24 -11.24 15.96
CA ILE A 338 35.38 -10.44 15.07
C ILE A 338 33.95 -10.70 15.52
N ARG A 339 33.30 -9.71 16.18
CA ARG A 339 31.97 -9.91 16.76
C ARG A 339 30.83 -9.88 15.73
N GLN A 340 30.99 -9.05 14.70
CA GLN A 340 29.96 -8.92 13.67
CA GLN A 340 29.96 -8.93 13.68
C GLN A 340 30.59 -8.36 12.41
N THR A 341 29.98 -8.65 11.26
CA THR A 341 30.38 -8.20 9.94
C THR A 341 29.14 -7.62 9.25
N SER A 342 29.35 -6.85 8.20
CA SER A 342 28.26 -6.29 7.41
C SER A 342 28.72 -6.12 5.97
N PHE A 343 27.93 -6.59 5.02
CA PHE A 343 28.20 -6.36 3.61
C PHE A 343 27.46 -5.08 3.22
N SER A 344 28.03 -4.33 2.27
CA SER A 344 27.33 -3.18 1.69
C SER A 344 26.17 -3.75 0.85
N ARG A 345 25.16 -2.91 0.51
CA ARG A 345 24.02 -3.40 -0.26
C ARG A 345 24.40 -4.11 -1.55
N ASP A 346 25.41 -3.58 -2.25
CA ASP A 346 25.85 -4.16 -3.52
C ASP A 346 26.87 -5.29 -3.37
N SER A 347 27.17 -5.75 -2.13
CA SER A 347 28.14 -6.80 -1.79
C SER A 347 29.59 -6.48 -2.18
N SER A 348 29.88 -5.25 -2.62
CA SER A 348 31.23 -4.88 -3.03
C SER A 348 32.18 -4.68 -1.84
N ILE A 349 31.62 -4.38 -0.62
CA ILE A 349 32.44 -4.16 0.57
C ILE A 349 31.94 -5.04 1.75
N LEU A 350 32.87 -5.62 2.51
CA LEU A 350 32.58 -6.40 3.71
C LEU A 350 33.40 -5.77 4.85
N ILE A 351 32.72 -5.26 5.90
CA ILE A 351 33.39 -4.65 7.07
C ILE A 351 33.31 -5.61 8.26
N ALA A 352 34.40 -5.77 9.01
CA ALA A 352 34.43 -6.60 10.22
C ALA A 352 34.83 -5.71 11.40
N VAL A 353 34.20 -5.90 12.58
CA VAL A 353 34.52 -5.14 13.79
C VAL A 353 34.98 -6.09 14.87
N CYS A 354 35.92 -5.64 15.72
CA CYS A 354 36.61 -6.49 16.70
C CYS A 354 36.55 -6.05 18.16
N ASP A 355 36.96 -6.99 19.05
CA ASP A 355 37.08 -6.77 20.49
C ASP A 355 38.11 -5.72 20.89
N ASP A 356 39.09 -5.46 20.01
CA ASP A 356 40.13 -4.45 20.29
C ASP A 356 39.80 -3.07 19.66
N ALA A 357 38.52 -2.83 19.31
CA ALA A 357 38.00 -1.61 18.67
C ALA A 357 38.49 -1.40 17.25
N SER A 358 39.01 -2.45 16.59
CA SER A 358 39.46 -2.29 15.21
C SER A 358 38.34 -2.62 14.21
N ILE A 359 38.42 -1.96 13.05
CA ILE A 359 37.49 -2.07 11.94
C ILE A 359 38.31 -2.50 10.72
N TRP A 360 37.84 -3.48 9.97
CA TRP A 360 38.59 -4.02 8.85
C TRP A 360 37.74 -3.96 7.59
N ARG A 361 38.31 -3.46 6.51
CA ARG A 361 37.57 -3.32 5.26
C ARG A 361 38.11 -4.28 4.20
N TRP A 362 37.22 -5.10 3.68
CA TRP A 362 37.57 -6.07 2.64
C TRP A 362 36.75 -5.72 1.39
N ASP A 363 37.41 -5.48 0.26
CA ASP A 363 36.69 -5.18 -1.00
C ASP A 363 36.65 -6.43 -1.88
N ARG A 364 35.50 -6.72 -2.47
CA ARG A 364 35.32 -7.89 -3.32
C ARG A 364 36.02 -7.66 -4.68
N LEU A 365 36.78 -8.65 -5.16
CA LEU A 365 37.52 -8.53 -6.41
C LEU A 365 36.72 -9.12 -7.57
N LYS B 2 -31.16 -14.04 -23.00
CA LYS B 2 -32.25 -13.13 -22.62
C LYS B 2 -32.16 -12.71 -21.17
N CYS B 3 -32.57 -11.47 -20.86
CA CYS B 3 -32.54 -10.94 -19.50
C CYS B 3 -33.59 -11.55 -18.57
N LYS B 4 -33.20 -11.77 -17.31
CA LYS B 4 -34.10 -12.29 -16.28
C LYS B 4 -34.38 -11.28 -15.14
N TYR B 5 -33.70 -10.12 -15.13
CA TYR B 5 -33.88 -9.12 -14.08
C TYR B 5 -35.29 -8.52 -14.04
N SER B 6 -35.90 -8.51 -12.87
CA SER B 6 -37.23 -7.93 -12.69
C SER B 6 -37.24 -7.04 -11.43
N PHE B 7 -38.03 -5.96 -11.44
CA PHE B 7 -38.08 -5.03 -10.31
C PHE B 7 -39.52 -4.63 -9.97
N LYS B 8 -39.76 -4.22 -8.74
CA LYS B 8 -41.06 -3.77 -8.28
C LYS B 8 -40.89 -2.37 -7.71
N CYS B 9 -41.79 -1.44 -8.04
CA CYS B 9 -41.72 -0.10 -7.48
C CYS B 9 -42.31 -0.16 -6.11
N VAL B 10 -41.50 0.05 -5.07
CA VAL B 10 -42.00 -0.09 -3.71
C VAL B 10 -42.32 1.24 -3.02
N ASN B 11 -41.79 2.36 -3.52
CA ASN B 11 -42.02 3.64 -2.85
C ASN B 11 -41.61 4.81 -3.70
N SER B 12 -42.11 5.98 -3.33
CA SER B 12 -41.71 7.25 -3.91
C SER B 12 -42.02 8.38 -2.95
N LEU B 13 -41.32 9.48 -3.15
CA LEU B 13 -41.54 10.69 -2.36
C LEU B 13 -41.17 11.90 -3.21
N LYS B 14 -41.50 13.09 -2.73
CA LYS B 14 -41.15 14.32 -3.40
C LYS B 14 -40.49 15.23 -2.38
N GLU B 15 -39.32 15.78 -2.72
CA GLU B 15 -38.63 16.74 -1.87
C GLU B 15 -39.39 18.06 -1.96
N ASP B 16 -39.66 18.69 -0.82
CA ASP B 16 -40.53 19.86 -0.77
C ASP B 16 -40.03 21.11 -1.49
N HIS B 17 -38.76 21.14 -1.97
CA HIS B 17 -38.27 22.29 -2.72
C HIS B 17 -38.85 22.38 -4.14
N ASN B 18 -39.40 21.25 -4.67
CA ASN B 18 -40.02 21.13 -6.01
C ASN B 18 -39.10 21.45 -7.19
N GLN B 19 -37.79 21.45 -6.98
CA GLN B 19 -36.83 21.73 -8.05
C GLN B 19 -36.27 20.44 -8.63
N PRO B 20 -35.79 20.46 -9.90
CA PRO B 20 -35.23 19.23 -10.46
C PRO B 20 -34.10 18.62 -9.66
N LEU B 21 -34.07 17.27 -9.58
CA LEU B 21 -32.99 16.56 -8.91
C LEU B 21 -32.08 16.06 -10.04
N PHE B 22 -30.82 16.50 -10.02
CA PHE B 22 -29.90 16.14 -11.10
C PHE B 22 -28.95 15.00 -10.76
N GLY B 23 -28.73 14.77 -9.47
CA GLY B 23 -27.80 13.74 -9.05
C GLY B 23 -28.38 12.83 -7.99
N VAL B 24 -27.97 11.56 -8.03
CA VAL B 24 -28.32 10.54 -7.04
C VAL B 24 -27.20 9.51 -7.00
N GLN B 25 -26.73 9.17 -5.78
CA GLN B 25 -25.67 8.21 -5.62
C GLN B 25 -25.85 7.42 -4.36
N PHE B 26 -25.82 6.09 -4.46
CA PHE B 26 -25.74 5.25 -3.26
C PHE B 26 -24.28 5.31 -2.79
N ASN B 27 -24.08 5.20 -1.49
CA ASN B 27 -22.75 5.15 -0.91
C ASN B 27 -22.27 3.69 -1.04
N TRP B 28 -21.42 3.42 -2.04
CA TRP B 28 -20.86 2.07 -2.22
C TRP B 28 -19.71 1.74 -1.23
N HIS B 29 -19.31 2.69 -0.38
CA HIS B 29 -18.26 2.43 0.60
C HIS B 29 -18.77 1.81 1.87
N SER B 30 -20.10 1.89 2.14
CA SER B 30 -20.65 1.30 3.35
C SER B 30 -20.39 -0.23 3.40
N LYS B 31 -20.02 -0.74 4.58
CA LYS B 31 -19.67 -2.14 4.70
C LYS B 31 -20.90 -3.05 4.66
N GLU B 32 -20.68 -4.33 4.34
CA GLU B 32 -21.74 -5.32 4.22
C GLU B 32 -22.47 -5.45 5.55
N GLY B 33 -23.79 -5.36 5.51
CA GLY B 33 -24.59 -5.42 6.73
C GLY B 33 -25.10 -4.06 7.15
N ASP B 34 -24.34 -3.00 6.85
CA ASP B 34 -24.72 -1.63 7.20
C ASP B 34 -25.86 -1.13 6.31
N PRO B 35 -26.65 -0.17 6.80
CA PRO B 35 -27.82 0.29 6.02
C PRO B 35 -27.44 0.93 4.69
N LEU B 36 -28.27 0.70 3.66
CA LEU B 36 -28.05 1.26 2.34
C LEU B 36 -28.42 2.74 2.31
N VAL B 37 -27.44 3.60 2.05
CA VAL B 37 -27.65 5.03 2.09
C VAL B 37 -27.44 5.66 0.71
N PHE B 38 -28.28 6.63 0.35
CA PHE B 38 -28.05 7.36 -0.91
C PHE B 38 -28.21 8.84 -0.71
N ALA B 39 -27.55 9.62 -1.53
CA ALA B 39 -27.65 11.06 -1.50
C ALA B 39 -28.38 11.55 -2.79
N THR B 40 -29.13 12.65 -2.68
CA THR B 40 -29.75 13.32 -3.84
C THR B 40 -29.27 14.76 -3.86
N VAL B 41 -29.11 15.33 -5.06
CA VAL B 41 -28.72 16.72 -5.18
C VAL B 41 -29.59 17.41 -6.21
N GLY B 42 -29.92 18.62 -5.91
CA GLY B 42 -30.75 19.46 -6.76
C GLY B 42 -30.95 20.80 -6.08
N SER B 43 -31.09 21.88 -6.87
CA SER B 43 -31.25 23.24 -6.31
C SER B 43 -30.02 23.55 -5.41
N ASN B 44 -30.18 24.19 -4.24
CA ASN B 44 -29.07 24.36 -3.32
C ASN B 44 -29.14 23.30 -2.22
N ARG B 45 -29.64 22.09 -2.52
CA ARG B 45 -29.80 21.05 -1.51
C ARG B 45 -29.04 19.75 -1.78
N VAL B 46 -28.65 19.09 -0.68
CA VAL B 46 -28.04 17.77 -0.66
C VAL B 46 -28.82 17.01 0.40
N THR B 47 -29.46 15.90 0.04
CA THR B 47 -30.26 15.17 1.02
C THR B 47 -29.85 13.72 1.12
N LEU B 48 -29.77 13.20 2.35
CA LEU B 48 -29.37 11.82 2.59
C LEU B 48 -30.55 10.98 3.03
N TYR B 49 -30.65 9.75 2.52
CA TYR B 49 -31.73 8.82 2.85
C TYR B 49 -31.15 7.45 3.12
N GLU B 50 -31.85 6.68 3.93
CA GLU B 50 -31.50 5.31 4.24
C GLU B 50 -32.64 4.42 3.73
N CYS B 51 -32.32 3.28 3.12
CA CYS B 51 -33.32 2.34 2.64
C CYS B 51 -33.55 1.27 3.70
N HIS B 52 -34.81 1.02 3.99
CA HIS B 52 -35.19 0.01 4.97
C HIS B 52 -36.20 -0.98 4.34
N SER B 53 -36.55 -2.05 5.07
CA SER B 53 -37.48 -3.04 4.55
C SER B 53 -38.88 -2.44 4.23
N GLN B 54 -39.65 -3.17 3.42
CA GLN B 54 -41.00 -2.75 2.99
C GLN B 54 -40.98 -1.40 2.28
N GLY B 55 -39.93 -1.18 1.46
CA GLY B 55 -39.75 0.02 0.68
C GLY B 55 -39.53 1.31 1.42
N GLU B 56 -39.37 1.26 2.76
CA GLU B 56 -39.17 2.49 3.54
C GLU B 56 -37.95 3.32 3.10
N ILE B 57 -38.16 4.61 2.85
CA ILE B 57 -37.09 5.54 2.54
C ILE B 57 -37.09 6.51 3.72
N ARG B 58 -36.05 6.41 4.54
CA ARG B 58 -35.96 7.20 5.75
C ARG B 58 -35.05 8.41 5.55
N LEU B 59 -35.59 9.62 5.76
CA LEU B 59 -34.85 10.87 5.64
C LEU B 59 -33.84 10.95 6.79
N LEU B 60 -32.54 11.10 6.47
CA LEU B 60 -31.50 11.21 7.48
C LEU B 60 -31.10 12.65 7.76
N GLN B 61 -30.69 13.40 6.73
CA GLN B 61 -30.17 14.75 6.87
C GLN B 61 -30.50 15.59 5.64
N SER B 62 -30.64 16.91 5.82
CA SER B 62 -30.90 17.81 4.71
C SER B 62 -29.95 19.00 4.80
N TYR B 63 -29.02 19.09 3.85
CA TYR B 63 -28.08 20.20 3.77
C TYR B 63 -28.67 21.27 2.87
N VAL B 64 -28.62 22.54 3.33
CA VAL B 64 -29.09 23.67 2.54
C VAL B 64 -27.92 24.65 2.39
N ASP B 65 -27.43 24.85 1.17
CA ASP B 65 -26.30 25.74 0.95
C ASP B 65 -26.64 27.18 1.34
N ALA B 66 -25.66 27.89 1.93
CA ALA B 66 -25.80 29.31 2.33
C ALA B 66 -26.20 30.17 1.11
N ASP B 67 -25.63 29.85 -0.05
CA ASP B 67 -25.92 30.54 -1.29
C ASP B 67 -27.22 30.00 -1.86
N ALA B 68 -28.28 30.81 -1.84
CA ALA B 68 -29.59 30.41 -2.36
C ALA B 68 -29.61 30.19 -3.88
N ASP B 69 -28.65 30.77 -4.61
CA ASP B 69 -28.60 30.64 -6.06
C ASP B 69 -27.68 29.52 -6.56
N GLU B 70 -27.15 28.67 -5.67
CA GLU B 70 -26.34 27.54 -6.08
C GLU B 70 -27.29 26.45 -6.66
N ASN B 71 -26.86 25.77 -7.73
CA ASN B 71 -27.65 24.68 -8.32
C ASN B 71 -26.71 23.48 -8.46
N PHE B 72 -26.78 22.53 -7.52
CA PHE B 72 -25.92 21.36 -7.50
C PHE B 72 -26.30 20.44 -8.66
N TYR B 73 -25.31 19.99 -9.42
CA TYR B 73 -25.51 19.12 -10.56
C TYR B 73 -24.99 17.70 -10.34
N THR B 74 -24.10 17.49 -9.36
CA THR B 74 -23.45 16.21 -9.17
C THR B 74 -23.00 15.98 -7.75
N CYS B 75 -22.85 14.72 -7.39
CA CYS B 75 -22.26 14.36 -6.10
C CYS B 75 -21.52 13.04 -6.21
N ALA B 76 -20.60 12.78 -5.28
CA ALA B 76 -19.80 11.56 -5.30
C ALA B 76 -19.33 11.24 -3.89
N TRP B 77 -19.38 9.96 -3.51
CA TRP B 77 -18.97 9.52 -2.19
C TRP B 77 -17.50 9.09 -2.14
N THR B 78 -16.87 9.32 -0.98
CA THR B 78 -15.55 8.82 -0.70
C THR B 78 -15.46 8.49 0.82
N TYR B 79 -14.25 8.26 1.34
CA TYR B 79 -14.00 8.06 2.75
C TYR B 79 -12.64 8.67 3.08
N ASP B 80 -12.45 9.04 4.32
CA ASP B 80 -11.20 9.58 4.84
C ASP B 80 -10.31 8.34 5.02
N SER B 81 -9.17 8.28 4.32
CA SER B 81 -8.27 7.13 4.37
C SER B 81 -7.60 6.90 5.73
N ASN B 82 -7.64 7.88 6.67
CA ASN B 82 -7.00 7.70 7.97
C ASN B 82 -7.97 7.33 9.06
N THR B 83 -9.20 7.86 9.00
CA THR B 83 -10.18 7.62 10.05
C THR B 83 -11.36 6.74 9.62
N SER B 84 -11.38 6.29 8.34
CA SER B 84 -12.44 5.47 7.72
C SER B 84 -13.82 6.15 7.77
N HIS B 85 -13.85 7.48 7.90
CA HIS B 85 -15.07 8.27 8.01
C HIS B 85 -15.63 8.51 6.61
N PRO B 86 -16.95 8.37 6.37
CA PRO B 86 -17.49 8.64 5.03
C PRO B 86 -17.43 10.12 4.66
N LEU B 87 -17.33 10.44 3.37
CA LEU B 87 -17.31 11.83 2.90
C LEU B 87 -18.15 11.96 1.63
N LEU B 88 -18.71 13.14 1.40
CA LEU B 88 -19.52 13.38 0.21
C LEU B 88 -19.10 14.68 -0.46
N ALA B 89 -18.73 14.63 -1.73
CA ALA B 89 -18.36 15.84 -2.49
C ALA B 89 -19.56 16.23 -3.34
N VAL B 90 -19.88 17.53 -3.39
CA VAL B 90 -21.01 18.07 -4.18
C VAL B 90 -20.53 19.31 -4.94
N ALA B 91 -21.15 19.61 -6.10
CA ALA B 91 -20.76 20.77 -6.93
C ALA B 91 -21.84 21.04 -8.00
N GLY B 92 -21.86 22.24 -8.53
CA GLY B 92 -22.80 22.63 -9.57
C GLY B 92 -22.48 23.93 -10.25
N SER B 93 -23.54 24.76 -10.44
CA SER B 93 -23.45 26.03 -11.16
C SER B 93 -22.41 27.02 -10.66
N ARG B 94 -22.15 27.08 -9.35
CA ARG B 94 -21.14 28.03 -8.83
C ARG B 94 -19.69 27.66 -9.15
N GLY B 95 -19.45 26.42 -9.57
CA GLY B 95 -18.10 25.95 -9.86
C GLY B 95 -17.27 25.75 -8.59
N ILE B 96 -17.95 25.47 -7.46
CA ILE B 96 -17.27 25.27 -6.18
C ILE B 96 -17.49 23.85 -5.68
N ILE B 97 -16.41 23.14 -5.34
CA ILE B 97 -16.52 21.78 -4.82
C ILE B 97 -16.68 21.87 -3.31
N ARG B 98 -17.69 21.23 -2.74
CA ARG B 98 -17.85 21.21 -1.29
C ARG B 98 -17.69 19.81 -0.78
N ILE B 99 -16.85 19.62 0.24
CA ILE B 99 -16.66 18.33 0.87
C ILE B 99 -17.49 18.38 2.14
N ILE B 100 -18.52 17.56 2.24
CA ILE B 100 -19.42 17.54 3.39
C ILE B 100 -19.20 16.29 4.22
N ASN B 101 -19.29 16.43 5.54
CA ASN B 101 -19.23 15.32 6.47
C ASN B 101 -20.66 14.81 6.48
N PRO B 102 -20.95 13.61 5.94
CA PRO B 102 -22.34 13.15 5.87
C PRO B 102 -22.97 12.73 7.19
N ILE B 103 -22.16 12.48 8.22
CA ILE B 103 -22.66 12.09 9.55
C ILE B 103 -23.21 13.34 10.28
N THR B 104 -22.55 14.49 10.11
CA THR B 104 -23.00 15.74 10.75
C THR B 104 -23.72 16.72 9.76
N MET B 105 -23.69 16.40 8.46
CA MET B 105 -24.21 17.20 7.35
C MET B 105 -23.65 18.63 7.33
N GLN B 106 -22.41 18.79 7.77
CA GLN B 106 -21.74 20.08 7.73
C GLN B 106 -20.61 20.07 6.70
N CYS B 107 -20.35 21.21 6.06
CA CYS B 107 -19.31 21.36 5.07
C CYS B 107 -17.93 21.42 5.80
N ILE B 108 -16.98 20.56 5.40
CA ILE B 108 -15.65 20.49 5.99
C ILE B 108 -14.73 21.48 5.27
N LYS B 109 -14.78 21.49 3.94
CA LYS B 109 -13.93 22.38 3.15
C LYS B 109 -14.46 22.56 1.74
N HIS B 110 -13.93 23.54 1.01
CA HIS B 110 -14.32 23.79 -0.36
C HIS B 110 -13.13 24.06 -1.27
N TYR B 111 -13.31 23.84 -2.59
CA TYR B 111 -12.26 24.14 -3.57
C TYR B 111 -12.86 25.05 -4.62
N VAL B 112 -12.19 26.16 -4.89
CA VAL B 112 -12.52 27.09 -5.96
C VAL B 112 -11.36 27.02 -6.97
N GLY B 113 -11.63 27.37 -8.22
CA GLY B 113 -10.63 27.35 -9.27
C GLY B 113 -11.25 27.23 -10.65
N HIS B 114 -12.29 26.37 -10.81
CA HIS B 114 -12.99 26.23 -12.09
C HIS B 114 -13.67 27.59 -12.39
N GLY B 115 -13.47 28.12 -13.58
CA GLY B 115 -14.05 29.39 -13.95
C GLY B 115 -15.51 29.35 -14.33
N ASN B 116 -16.16 28.18 -14.18
CA ASN B 116 -17.56 27.96 -14.53
C ASN B 116 -18.11 26.69 -13.79
N ALA B 117 -19.37 26.37 -14.05
CA ALA B 117 -20.08 25.25 -13.44
C ALA B 117 -19.36 23.91 -13.56
N ILE B 118 -19.61 23.03 -12.58
CA ILE B 118 -19.08 21.68 -12.56
C ILE B 118 -20.20 20.71 -12.89
N ASN B 119 -20.02 19.92 -13.96
CA ASN B 119 -21.02 18.98 -14.47
C ASN B 119 -20.93 17.59 -13.87
N GLU B 120 -19.76 17.21 -13.38
CA GLU B 120 -19.61 15.88 -12.79
C GLU B 120 -18.41 15.79 -11.87
N LEU B 121 -18.56 15.01 -10.79
CA LEU B 121 -17.49 14.70 -9.85
C LEU B 121 -17.30 13.19 -9.83
N LYS B 122 -16.04 12.72 -9.83
CA LYS B 122 -15.77 11.28 -9.73
C LYS B 122 -14.58 11.05 -8.82
N PHE B 123 -14.67 10.08 -7.93
CA PHE B 123 -13.54 9.71 -7.09
C PHE B 123 -12.81 8.54 -7.72
N HIS B 124 -11.47 8.55 -7.63
CA HIS B 124 -10.61 7.46 -8.14
C HIS B 124 -11.01 6.13 -7.45
N PRO B 125 -11.05 5.00 -8.18
CA PRO B 125 -11.50 3.73 -7.58
C PRO B 125 -10.54 3.05 -6.58
N ARG B 126 -9.27 3.50 -6.49
CA ARG B 126 -8.29 2.90 -5.58
C ARG B 126 -7.83 3.88 -4.53
N ASP B 127 -7.67 5.15 -4.91
CA ASP B 127 -7.22 6.18 -4.00
C ASP B 127 -8.39 7.10 -3.71
N PRO B 128 -8.89 7.07 -2.48
CA PRO B 128 -10.10 7.85 -2.14
C PRO B 128 -9.91 9.37 -2.02
N ASN B 129 -8.65 9.83 -2.09
CA ASN B 129 -8.36 11.26 -2.01
C ASN B 129 -8.33 11.93 -3.39
N LEU B 130 -8.34 11.16 -4.49
CA LEU B 130 -8.25 11.73 -5.83
C LEU B 130 -9.62 12.00 -6.40
N LEU B 131 -9.97 13.28 -6.48
CA LEU B 131 -11.28 13.73 -6.95
C LEU B 131 -11.16 14.38 -8.32
N LEU B 132 -11.95 13.90 -9.28
CA LEU B 132 -11.94 14.47 -10.62
C LEU B 132 -13.18 15.33 -10.81
N SER B 133 -13.02 16.57 -11.29
CA SER B 133 -14.14 17.47 -11.59
C SER B 133 -14.11 17.81 -13.08
N VAL B 134 -15.29 17.88 -13.71
CA VAL B 134 -15.39 18.17 -15.14
C VAL B 134 -16.26 19.43 -15.27
N SER B 135 -15.84 20.38 -16.09
CA SER B 135 -16.47 21.68 -16.09
C SER B 135 -16.83 22.32 -17.42
N LYS B 136 -17.77 23.27 -17.33
CA LYS B 136 -18.20 24.15 -18.42
C LYS B 136 -17.00 25.01 -18.91
N ASP B 137 -15.89 25.11 -18.14
CA ASP B 137 -14.69 25.86 -18.56
C ASP B 137 -13.83 25.11 -19.60
N HIS B 138 -14.32 23.94 -20.11
CA HIS B 138 -13.66 23.10 -21.12
C HIS B 138 -12.55 22.21 -20.55
N ALA B 139 -12.36 22.19 -19.23
CA ALA B 139 -11.30 21.42 -18.62
C ALA B 139 -11.78 20.41 -17.59
N LEU B 140 -10.94 19.40 -17.31
CA LEU B 140 -11.10 18.46 -16.20
C LEU B 140 -9.99 18.84 -15.18
N ARG B 141 -10.24 18.63 -13.88
CA ARG B 141 -9.25 18.93 -12.85
C ARG B 141 -9.19 17.76 -11.90
N LEU B 142 -7.97 17.38 -11.54
CA LEU B 142 -7.74 16.29 -10.61
C LEU B 142 -7.23 16.91 -9.32
N TRP B 143 -7.91 16.65 -8.20
CA TRP B 143 -7.59 17.19 -6.90
C TRP B 143 -7.16 16.09 -5.92
N ASN B 144 -6.29 16.44 -4.96
CA ASN B 144 -5.92 15.53 -3.87
C ASN B 144 -6.55 16.19 -2.66
N ILE B 145 -7.67 15.64 -2.16
CA ILE B 145 -8.38 16.22 -1.05
C ILE B 145 -7.78 15.91 0.32
N GLN B 146 -6.67 15.16 0.39
CA GLN B 146 -5.98 14.94 1.66
C GLN B 146 -5.04 16.14 1.90
N THR B 147 -4.30 16.57 0.85
CA THR B 147 -3.38 17.69 0.98
C THR B 147 -3.93 19.00 0.43
N ASP B 148 -5.20 19.02 -0.05
CA ASP B 148 -5.88 20.20 -0.60
C ASP B 148 -5.13 20.79 -1.80
N THR B 149 -4.62 19.94 -2.68
CA THR B 149 -3.87 20.38 -3.84
C THR B 149 -4.57 20.09 -5.17
N LEU B 150 -4.33 20.95 -6.14
CA LEU B 150 -4.81 20.73 -7.49
C LEU B 150 -3.66 20.00 -8.19
N VAL B 151 -3.84 18.71 -8.42
CA VAL B 151 -2.80 17.87 -9.06
C VAL B 151 -2.55 18.21 -10.52
N ALA B 152 -3.62 18.24 -11.33
CA ALA B 152 -3.53 18.45 -12.76
C ALA B 152 -4.78 19.09 -13.33
N ILE B 153 -4.60 19.80 -14.43
CA ILE B 153 -5.68 20.40 -15.23
C ILE B 153 -5.51 19.78 -16.61
N PHE B 154 -6.53 19.05 -17.07
CA PHE B 154 -6.58 18.40 -18.36
C PHE B 154 -7.37 19.32 -19.29
N GLY B 155 -6.64 20.03 -20.11
CA GLY B 155 -7.22 21.00 -21.05
C GLY B 155 -6.14 21.83 -21.70
N GLY B 156 -6.54 22.63 -22.68
CA GLY B 156 -5.60 23.49 -23.38
C GLY B 156 -5.54 23.20 -24.85
N VAL B 157 -4.33 23.20 -25.43
CA VAL B 157 -4.08 23.06 -26.88
C VAL B 157 -4.94 21.98 -27.53
N GLU B 158 -4.93 20.74 -27.01
CA GLU B 158 -5.74 19.65 -27.56
C GLU B 158 -6.79 19.11 -26.58
N GLY B 159 -7.16 19.93 -25.59
CA GLY B 159 -8.24 19.57 -24.68
C GLY B 159 -9.59 19.88 -25.32
N HIS B 160 -10.67 19.70 -24.55
CA HIS B 160 -12.02 19.98 -25.06
C HIS B 160 -12.17 21.43 -25.54
N ARG B 161 -12.94 21.65 -26.62
CA ARG B 161 -13.18 22.98 -27.16
C ARG B 161 -14.52 23.61 -26.74
N ASP B 162 -15.28 22.90 -25.89
CA ASP B 162 -16.56 23.34 -25.36
C ASP B 162 -16.76 22.66 -23.98
N GLU B 163 -17.87 22.92 -23.33
CA GLU B 163 -18.18 22.39 -22.00
C GLU B 163 -18.03 20.87 -21.91
N VAL B 164 -17.34 20.40 -20.85
CA VAL B 164 -17.15 18.98 -20.58
C VAL B 164 -18.36 18.57 -19.74
N LEU B 165 -19.07 17.54 -20.17
CA LEU B 165 -20.28 17.10 -19.52
C LEU B 165 -20.12 15.90 -18.61
N SER B 166 -19.15 15.03 -18.93
CA SER B 166 -19.00 13.79 -18.17
C SER B 166 -17.60 13.22 -18.29
N ALA B 167 -17.21 12.36 -17.31
CA ALA B 167 -15.96 11.66 -17.35
C ALA B 167 -16.02 10.41 -16.46
N ASP B 168 -15.11 9.45 -16.71
CA ASP B 168 -15.11 8.22 -15.92
C ASP B 168 -13.72 7.65 -15.86
N TYR B 169 -13.36 7.14 -14.70
CA TYR B 169 -12.10 6.43 -14.55
C TYR B 169 -12.41 4.98 -14.98
N ASP B 170 -11.40 4.26 -15.49
CA ASP B 170 -11.56 2.83 -15.76
C ASP B 170 -11.55 2.08 -14.38
N LEU B 171 -11.79 0.76 -14.37
CA LEU B 171 -11.89 0.01 -13.11
C LEU B 171 -10.67 0.12 -12.18
N LEU B 172 -9.46 0.04 -12.73
CA LEU B 172 -8.27 0.11 -11.89
C LEU B 172 -7.71 1.53 -11.67
N GLY B 173 -8.31 2.54 -12.31
CA GLY B 173 -7.92 3.92 -12.11
C GLY B 173 -6.61 4.29 -12.80
N GLU B 174 -6.39 3.71 -13.95
CA GLU B 174 -5.19 4.01 -14.76
C GLU B 174 -5.46 5.08 -15.82
N LYS B 175 -6.74 5.35 -16.13
CA LYS B 175 -7.07 6.29 -17.21
C LYS B 175 -8.49 6.83 -17.07
N ILE B 176 -8.73 7.95 -17.75
CA ILE B 176 -9.99 8.65 -17.73
C ILE B 176 -10.47 8.86 -19.16
N MET B 177 -11.77 8.67 -19.40
CA MET B 177 -12.36 9.07 -20.67
C MET B 177 -13.29 10.25 -20.31
N SER B 178 -13.24 11.33 -21.06
CA SER B 178 -14.10 12.49 -20.86
C SER B 178 -14.89 12.79 -22.15
N CYS B 179 -15.98 13.54 -22.04
CA CYS B 179 -16.80 13.87 -23.21
C CYS B 179 -17.54 15.20 -23.00
N GLY B 180 -17.97 15.83 -24.09
CA GLY B 180 -18.72 17.07 -23.96
C GLY B 180 -19.39 17.60 -25.20
N MET B 181 -19.71 18.89 -25.14
CA MET B 181 -20.40 19.64 -26.16
C MET B 181 -19.67 19.74 -27.48
N ASP B 182 -18.35 19.50 -27.50
CA ASP B 182 -17.60 19.55 -28.75
C ASP B 182 -17.71 18.24 -29.56
N HIS B 183 -18.60 17.29 -29.13
CA HIS B 183 -18.90 15.97 -29.70
C HIS B 183 -17.76 14.98 -29.51
N SER B 184 -16.70 15.35 -28.78
CA SER B 184 -15.53 14.49 -28.69
C SER B 184 -15.44 13.71 -27.40
N LEU B 185 -14.79 12.55 -27.50
CA LEU B 185 -14.47 11.67 -26.39
C LEU B 185 -12.96 11.63 -26.34
N LYS B 186 -12.37 12.01 -25.19
CA LYS B 186 -10.93 12.09 -25.01
C LYS B 186 -10.40 11.19 -23.88
N LEU B 187 -9.29 10.52 -24.15
CA LEU B 187 -8.66 9.63 -23.19
C LEU B 187 -7.49 10.37 -22.53
N TRP B 188 -7.38 10.28 -21.21
CA TRP B 188 -6.30 10.90 -20.45
C TRP B 188 -5.70 9.81 -19.55
N ARG B 189 -4.49 9.35 -19.87
CA ARG B 189 -3.86 8.32 -19.02
C ARG B 189 -3.32 8.98 -17.77
N ILE B 190 -3.60 8.39 -16.61
CA ILE B 190 -3.03 8.88 -15.35
C ILE B 190 -2.02 7.88 -14.73
N ASN B 191 -1.72 6.77 -15.45
CA ASN B 191 -0.65 5.86 -15.06
C ASN B 191 0.63 6.20 -15.87
N SER B 192 0.70 7.38 -16.51
CA SER B 192 1.94 7.77 -17.19
C SER B 192 2.94 8.11 -16.08
N LYS B 193 4.24 8.04 -16.40
CA LYS B 193 5.26 8.38 -15.40
C LYS B 193 5.07 9.83 -14.90
N ARG B 194 4.67 10.74 -15.81
CA ARG B 194 4.43 12.14 -15.47
C ARG B 194 3.29 12.29 -14.44
N MET B 195 2.13 11.67 -14.70
CA MET B 195 0.98 11.77 -13.79
C MET B 195 1.18 11.02 -12.48
N MET B 196 1.81 9.84 -12.49
CA MET B 196 2.09 9.11 -11.23
C MET B 196 3.02 9.94 -10.34
N ASN B 197 3.98 10.63 -10.94
CA ASN B 197 4.90 11.49 -10.18
C ASN B 197 4.16 12.73 -9.66
N ALA B 198 3.27 13.34 -10.45
CA ALA B 198 2.51 14.50 -10.00
C ALA B 198 1.60 14.13 -8.82
N ILE B 199 1.00 12.94 -8.87
CA ILE B 199 0.18 12.47 -7.75
C ILE B 199 1.05 12.26 -6.51
N LYS B 200 2.24 11.65 -6.66
CA LYS B 200 3.14 11.44 -5.51
C LYS B 200 3.58 12.79 -4.94
N GLU B 201 3.88 13.77 -5.80
CA GLU B 201 4.29 15.11 -5.38
C GLU B 201 3.19 15.83 -4.61
N SER B 202 1.93 15.62 -5.03
CA SER B 202 0.78 16.21 -4.32
C SER B 202 0.68 15.65 -2.89
N TYR B 203 1.16 14.43 -2.64
CA TYR B 203 1.19 13.87 -1.28
C TYR B 203 2.35 14.41 -0.45
N ASP B 204 3.48 14.69 -1.10
CA ASP B 204 4.65 15.24 -0.37
C ASP B 204 4.45 16.73 -0.03
N TYR B 205 3.48 17.43 -0.65
CA TYR B 205 3.27 18.85 -0.39
C TYR B 205 2.83 19.08 1.05
N PRO B 213 3.02 27.97 -3.19
CA PRO B 213 1.92 27.09 -3.58
C PRO B 213 2.38 25.89 -4.42
N PHE B 214 1.58 24.82 -4.40
CA PHE B 214 1.87 23.62 -5.16
C PHE B 214 1.66 23.90 -6.65
N ILE B 215 2.56 23.41 -7.51
CA ILE B 215 2.43 23.62 -8.95
C ILE B 215 1.69 22.47 -9.62
N SER B 216 0.56 22.77 -10.23
CA SER B 216 -0.26 21.76 -10.91
C SER B 216 0.29 21.42 -12.29
N GLN B 217 0.09 20.18 -12.74
CA GLN B 217 0.45 19.81 -14.09
C GLN B 217 -0.61 20.41 -15.02
N LYS B 218 -0.17 20.87 -16.17
CA LYS B 218 -1.07 21.38 -17.18
C LYS B 218 -0.97 20.36 -18.31
N ILE B 219 -1.91 19.44 -18.39
CA ILE B 219 -1.92 18.39 -19.41
C ILE B 219 -2.70 18.91 -20.62
N HIS B 220 -1.98 19.39 -21.66
CA HIS B 220 -2.62 19.95 -22.84
C HIS B 220 -3.03 18.94 -23.89
N PHE B 221 -2.49 17.70 -23.80
CA PHE B 221 -2.70 16.72 -24.85
C PHE B 221 -3.24 15.40 -24.34
N PRO B 222 -4.39 14.95 -24.89
CA PRO B 222 -4.93 13.64 -24.49
C PRO B 222 -4.20 12.50 -25.21
N ASP B 223 -4.39 11.28 -24.70
CA ASP B 223 -3.81 10.04 -25.23
C ASP B 223 -4.64 9.39 -26.35
N PHE B 224 -5.80 9.96 -26.67
CA PHE B 224 -6.70 9.55 -27.74
C PHE B 224 -7.82 10.55 -27.81
N SER B 225 -8.32 10.81 -29.01
CA SER B 225 -9.45 11.70 -29.20
C SER B 225 -10.25 11.28 -30.43
N THR B 226 -11.59 11.30 -30.34
CA THR B 226 -12.46 11.00 -31.47
C THR B 226 -13.70 11.87 -31.44
N ARG B 227 -14.17 12.29 -32.63
CA ARG B 227 -15.45 12.97 -32.83
C ARG B 227 -16.34 12.08 -33.77
N ASP B 228 -16.00 10.77 -33.93
CA ASP B 228 -16.66 9.87 -34.87
C ASP B 228 -17.63 8.87 -34.27
N ILE B 229 -18.05 9.05 -33.02
CA ILE B 229 -19.02 8.13 -32.43
C ILE B 229 -20.42 8.73 -32.52
N HIS B 230 -20.56 9.99 -32.10
CA HIS B 230 -21.83 10.69 -32.08
C HIS B 230 -21.77 11.93 -32.97
N ARG B 231 -22.92 12.40 -33.43
CA ARG B 231 -22.99 13.60 -34.28
C ARG B 231 -23.47 14.84 -33.50
N ASN B 232 -23.50 14.77 -32.17
CA ASN B 232 -23.95 15.87 -31.33
C ASN B 232 -23.23 15.82 -29.95
N TYR B 233 -23.69 16.62 -28.96
CA TYR B 233 -23.12 16.67 -27.61
C TYR B 233 -23.04 15.26 -27.02
N VAL B 234 -21.99 14.96 -26.27
CA VAL B 234 -21.87 13.66 -25.60
C VAL B 234 -22.03 14.01 -24.12
N ASP B 235 -23.16 13.61 -23.53
CA ASP B 235 -23.44 13.99 -22.15
C ASP B 235 -23.18 12.91 -21.10
N CYS B 236 -22.78 11.69 -21.50
CA CYS B 236 -22.49 10.64 -20.53
C CYS B 236 -21.53 9.64 -21.12
N VAL B 237 -20.50 9.25 -20.35
CA VAL B 237 -19.51 8.28 -20.75
C VAL B 237 -19.11 7.43 -19.54
N ARG B 238 -19.01 6.12 -19.74
CA ARG B 238 -18.52 5.22 -18.70
C ARG B 238 -17.69 4.14 -19.38
N TRP B 239 -16.69 3.61 -18.68
CA TRP B 239 -15.93 2.47 -19.17
C TRP B 239 -16.73 1.17 -18.95
N LEU B 240 -16.63 0.23 -19.89
CA LEU B 240 -17.19 -1.11 -19.74
C LEU B 240 -15.96 -2.03 -20.00
N GLY B 241 -15.14 -2.23 -18.98
CA GLY B 241 -13.89 -3.00 -19.12
C GLY B 241 -12.93 -2.15 -19.94
N ASP B 242 -12.45 -2.68 -21.07
CA ASP B 242 -11.60 -1.89 -22.00
C ASP B 242 -12.43 -1.13 -23.07
N LEU B 243 -13.74 -1.37 -23.10
CA LEU B 243 -14.66 -0.73 -24.04
C LEU B 243 -15.30 0.51 -23.39
N ILE B 244 -15.99 1.33 -24.17
CA ILE B 244 -16.61 2.56 -23.72
C ILE B 244 -18.09 2.54 -24.03
N LEU B 245 -18.87 3.09 -23.14
CA LEU B 245 -20.29 3.33 -23.33
C LEU B 245 -20.44 4.83 -23.32
N SER B 246 -21.12 5.38 -24.33
CA SER B 246 -21.36 6.81 -24.36
C SER B 246 -22.67 7.12 -25.04
N LYS B 247 -23.26 8.28 -24.70
CA LYS B 247 -24.49 8.66 -25.34
C LYS B 247 -24.54 10.11 -25.72
N SER B 248 -25.32 10.37 -26.76
CA SER B 248 -25.63 11.68 -27.24
C SER B 248 -27.20 11.75 -27.16
N CYS B 249 -27.84 12.27 -28.18
CA CYS B 249 -29.28 12.41 -28.21
C CYS B 249 -29.96 11.51 -29.27
N GLU B 250 -29.21 10.63 -29.95
CA GLU B 250 -29.74 9.76 -31.00
C GLU B 250 -30.53 8.55 -30.50
N ASN B 251 -30.99 8.57 -29.24
CA ASN B 251 -31.76 7.50 -28.61
C ASN B 251 -31.01 6.18 -28.58
N ALA B 252 -29.70 6.27 -28.35
CA ALA B 252 -28.86 5.09 -28.29
C ALA B 252 -27.64 5.30 -27.39
N ILE B 253 -27.28 4.26 -26.63
CA ILE B 253 -26.01 4.25 -25.92
C ILE B 253 -25.10 3.43 -26.86
N VAL B 254 -23.95 3.98 -27.24
CA VAL B 254 -23.04 3.30 -28.14
C VAL B 254 -21.92 2.61 -27.38
N CYS B 255 -21.67 1.32 -27.69
CA CYS B 255 -20.54 0.60 -27.13
C CYS B 255 -19.47 0.61 -28.20
N TRP B 256 -18.30 1.18 -27.89
CA TRP B 256 -17.23 1.31 -28.86
C TRP B 256 -15.85 1.19 -28.19
N LYS B 257 -14.79 1.21 -29.00
CA LYS B 257 -13.43 1.15 -28.50
C LYS B 257 -12.52 1.93 -29.43
N PRO B 258 -11.49 2.58 -28.89
CA PRO B 258 -10.50 3.25 -29.76
C PRO B 258 -9.78 2.21 -30.62
N GLY B 259 -9.36 2.64 -31.80
CA GLY B 259 -8.63 1.82 -32.76
C GLY B 259 -9.47 0.81 -33.50
N LYS B 260 -8.79 -0.08 -34.23
CA LYS B 260 -9.42 -1.17 -34.96
C LYS B 260 -9.86 -2.28 -33.97
N MET B 261 -10.68 -3.23 -34.45
CA MET B 261 -11.26 -4.30 -33.63
C MET B 261 -10.28 -5.00 -32.69
N GLU B 262 -9.10 -5.36 -33.19
CA GLU B 262 -8.09 -6.09 -32.44
C GLU B 262 -7.10 -5.23 -31.65
N ASP B 263 -7.24 -3.89 -31.71
CA ASP B 263 -6.29 -3.01 -31.01
C ASP B 263 -6.44 -3.01 -29.50
N ASP B 264 -5.32 -3.18 -28.80
CA ASP B 264 -5.24 -3.19 -27.33
C ASP B 264 -5.33 -1.75 -26.86
N ILE B 265 -6.19 -1.48 -25.85
CA ILE B 265 -6.38 -0.13 -25.29
C ILE B 265 -5.07 0.48 -24.82
N ASP B 266 -4.15 -0.36 -24.28
CA ASP B 266 -2.89 0.15 -23.77
C ASP B 266 -1.79 0.28 -24.83
N LYS B 267 -2.07 -0.09 -26.08
CA LYS B 267 -1.13 0.06 -27.17
C LYS B 267 -1.60 1.08 -28.22
N ILE B 268 -2.79 1.70 -28.03
CA ILE B 268 -3.23 2.71 -28.99
C ILE B 268 -2.35 3.96 -28.84
N LYS B 269 -1.91 4.52 -29.96
CA LYS B 269 -1.08 5.72 -29.96
C LYS B 269 -1.97 6.99 -29.91
N PRO B 270 -1.44 8.12 -29.39
CA PRO B 270 -2.27 9.33 -29.30
C PRO B 270 -2.84 9.85 -30.62
N SER B 271 -2.20 9.50 -31.75
CA SER B 271 -2.68 9.93 -33.07
C SER B 271 -3.64 8.92 -33.73
N GLU B 272 -4.01 7.82 -33.03
CA GLU B 272 -4.95 6.81 -33.57
C GLU B 272 -6.22 7.46 -34.13
N SER B 273 -6.46 7.29 -35.43
CA SER B 273 -7.61 7.89 -36.10
C SER B 273 -8.82 6.95 -36.21
N ASN B 274 -8.67 5.66 -35.90
CA ASN B 274 -9.75 4.69 -36.00
C ASN B 274 -10.53 4.50 -34.70
N VAL B 275 -11.80 4.08 -34.83
CA VAL B 275 -12.73 3.66 -33.77
C VAL B 275 -13.50 2.44 -34.29
N THR B 276 -13.88 1.53 -33.39
CA THR B 276 -14.66 0.36 -33.75
C THR B 276 -15.92 0.35 -32.88
N ILE B 277 -17.10 0.35 -33.52
CA ILE B 277 -18.38 0.29 -32.86
C ILE B 277 -18.69 -1.20 -32.64
N LEU B 278 -19.05 -1.59 -31.43
CA LEU B 278 -19.35 -2.98 -31.12
C LEU B 278 -20.86 -3.26 -30.97
N GLY B 279 -21.64 -2.24 -30.64
CA GLY B 279 -23.06 -2.39 -30.48
C GLY B 279 -23.76 -1.13 -30.01
N ARG B 280 -25.09 -1.16 -29.98
CA ARG B 280 -25.91 -0.04 -29.55
C ARG B 280 -27.05 -0.53 -28.69
N PHE B 281 -27.35 0.19 -27.60
CA PHE B 281 -28.47 -0.12 -26.73
C PHE B 281 -29.50 0.94 -27.08
N ASP B 282 -30.55 0.54 -27.81
CA ASP B 282 -31.59 1.43 -28.26
C ASP B 282 -32.70 1.61 -27.23
N TYR B 283 -33.29 2.79 -27.23
CA TYR B 283 -34.38 3.17 -26.35
C TYR B 283 -35.17 4.30 -27.04
N SER B 284 -36.17 4.88 -26.38
CA SER B 284 -36.95 5.95 -27.00
C SER B 284 -37.15 7.11 -26.04
N GLN B 285 -37.53 8.26 -26.59
CA GLN B 285 -37.88 9.45 -25.81
C GLN B 285 -36.80 9.86 -24.81
N CYS B 286 -35.55 9.99 -25.26
CA CYS B 286 -34.45 10.45 -24.41
C CYS B 286 -33.49 11.20 -25.32
N ASP B 287 -34.04 12.16 -26.09
CA ASP B 287 -33.24 12.94 -26.99
C ASP B 287 -32.91 14.35 -26.48
N ILE B 288 -33.23 14.66 -25.20
CA ILE B 288 -32.90 15.94 -24.55
C ILE B 288 -31.55 15.82 -23.82
N TRP B 289 -30.83 16.94 -23.67
CA TRP B 289 -29.54 16.99 -22.99
C TRP B 289 -29.62 16.84 -21.49
N TYR B 290 -28.55 16.30 -20.88
CA TYR B 290 -28.40 16.10 -19.44
C TYR B 290 -29.21 14.91 -18.91
N MET B 291 -28.93 13.71 -19.42
CA MET B 291 -29.64 12.49 -19.03
C MET B 291 -28.54 11.44 -18.88
N ARG B 292 -28.27 11.03 -17.64
CA ARG B 292 -27.20 10.11 -17.39
C ARG B 292 -27.62 8.67 -17.27
N PHE B 293 -26.76 7.77 -17.76
CA PHE B 293 -26.96 6.34 -17.56
C PHE B 293 -25.98 5.89 -16.44
N SER B 294 -26.29 4.74 -15.84
CA SER B 294 -25.51 4.20 -14.73
C SER B 294 -25.41 2.68 -14.84
N MET B 295 -24.49 2.10 -14.11
CA MET B 295 -24.33 0.66 -14.01
C MET B 295 -24.22 0.26 -12.54
N ASP B 296 -24.48 -1.02 -12.27
CA ASP B 296 -24.29 -1.55 -10.93
C ASP B 296 -22.77 -1.79 -10.72
N PHE B 297 -22.35 -2.12 -9.50
CA PHE B 297 -20.94 -2.34 -9.18
C PHE B 297 -20.29 -3.41 -10.07
N TRP B 298 -20.96 -4.55 -10.25
CA TRP B 298 -20.40 -5.64 -11.04
C TRP B 298 -20.52 -5.45 -12.55
N GLN B 299 -21.15 -4.34 -13.00
CA GLN B 299 -21.32 -4.03 -14.41
C GLN B 299 -22.09 -5.14 -15.14
N LYS B 300 -23.11 -5.66 -14.47
CA LYS B 300 -24.03 -6.67 -15.00
C LYS B 300 -25.36 -6.01 -15.44
N MET B 301 -25.64 -4.78 -14.99
CA MET B 301 -26.84 -4.05 -15.36
C MET B 301 -26.52 -2.63 -15.77
N LEU B 302 -27.27 -2.16 -16.76
CA LEU B 302 -27.15 -0.81 -17.29
C LEU B 302 -28.54 -0.18 -17.18
N ALA B 303 -28.63 1.02 -16.63
CA ALA B 303 -29.93 1.70 -16.47
C ALA B 303 -29.90 3.12 -17.01
N LEU B 304 -31.03 3.56 -17.57
CA LEU B 304 -31.18 4.92 -18.08
C LEU B 304 -32.66 5.33 -18.02
N GLY B 305 -32.93 6.51 -17.48
CA GLY B 305 -34.27 7.08 -17.46
C GLY B 305 -34.50 7.92 -18.71
N ASN B 306 -35.77 8.09 -19.08
CA ASN B 306 -36.10 8.89 -20.26
C ASN B 306 -36.91 10.15 -19.83
N GLN B 307 -37.28 11.01 -20.80
CA GLN B 307 -37.99 12.26 -20.50
C GLN B 307 -39.42 12.09 -20.00
N VAL B 308 -40.04 10.89 -20.17
CA VAL B 308 -41.41 10.70 -19.73
C VAL B 308 -41.55 9.76 -18.52
N GLY B 309 -40.47 9.58 -17.76
CA GLY B 309 -40.51 8.77 -16.55
C GLY B 309 -40.32 7.28 -16.70
N LYS B 310 -39.92 6.81 -17.89
CA LYS B 310 -39.65 5.39 -18.09
C LYS B 310 -38.21 5.08 -17.70
N LEU B 311 -37.98 3.92 -17.12
CA LEU B 311 -36.64 3.52 -16.67
C LEU B 311 -36.23 2.26 -17.43
N TYR B 312 -35.27 2.37 -18.33
CA TYR B 312 -34.80 1.24 -19.10
C TYR B 312 -33.69 0.51 -18.38
N VAL B 313 -33.71 -0.82 -18.39
CA VAL B 313 -32.65 -1.64 -17.79
C VAL B 313 -32.20 -2.69 -18.82
N TRP B 314 -30.89 -2.92 -18.95
CA TRP B 314 -30.34 -3.95 -19.84
C TRP B 314 -29.42 -4.90 -19.03
N ASP B 315 -29.40 -6.18 -19.42
CA ASP B 315 -28.53 -7.17 -18.82
C ASP B 315 -27.25 -7.16 -19.65
N LEU B 316 -26.16 -6.65 -19.08
CA LEU B 316 -24.88 -6.57 -19.78
C LEU B 316 -24.18 -7.92 -19.96
N GLU B 317 -24.72 -9.01 -19.35
CA GLU B 317 -24.16 -10.33 -19.57
C GLU B 317 -24.76 -11.02 -20.83
N VAL B 318 -25.69 -10.35 -21.55
CA VAL B 318 -26.28 -10.85 -22.79
C VAL B 318 -25.55 -10.09 -23.89
N GLU B 319 -24.75 -10.80 -24.70
CA GLU B 319 -23.92 -10.21 -25.75
C GLU B 319 -24.66 -9.28 -26.73
N ASP B 320 -25.78 -9.73 -27.34
CA ASP B 320 -26.54 -8.89 -28.26
C ASP B 320 -27.39 -7.87 -27.48
N PRO B 321 -27.16 -6.56 -27.71
CA PRO B 321 -27.94 -5.54 -26.97
C PRO B 321 -29.46 -5.53 -27.17
N HIS B 322 -29.97 -6.21 -28.21
CA HIS B 322 -31.41 -6.28 -28.42
C HIS B 322 -32.01 -7.32 -27.47
N LYS B 323 -31.36 -8.49 -27.35
CA LYS B 323 -31.84 -9.51 -26.41
C LYS B 323 -31.50 -9.17 -24.94
N ALA B 324 -30.61 -8.20 -24.71
CA ALA B 324 -30.20 -7.73 -23.38
C ALA B 324 -31.28 -6.89 -22.69
N LYS B 325 -32.24 -6.33 -23.44
CA LYS B 325 -33.26 -5.47 -22.85
C LYS B 325 -34.15 -6.16 -21.83
N CYS B 326 -34.27 -5.55 -20.64
CA CYS B 326 -35.16 -6.02 -19.58
C CYS B 326 -36.51 -5.37 -19.79
N THR B 327 -37.50 -5.78 -18.99
CA THR B 327 -38.81 -5.14 -19.02
C THR B 327 -38.60 -3.72 -18.46
N THR B 328 -39.01 -2.71 -19.23
CA THR B 328 -38.92 -1.30 -18.86
C THR B 328 -39.75 -1.04 -17.62
N LEU B 329 -39.22 -0.28 -16.68
CA LEU B 329 -39.89 0.05 -15.43
C LEU B 329 -40.71 1.32 -15.56
N THR B 330 -42.02 1.17 -15.38
CA THR B 330 -42.92 2.29 -15.47
C THR B 330 -43.89 2.30 -14.29
N HIS B 331 -44.27 3.49 -13.86
CA HIS B 331 -45.29 3.70 -12.83
C HIS B 331 -46.19 4.82 -13.39
N HIS B 332 -47.51 4.63 -13.36
CA HIS B 332 -48.44 5.63 -13.91
C HIS B 332 -48.25 7.03 -13.30
N LYS B 333 -47.72 7.16 -12.06
CA LYS B 333 -47.47 8.49 -11.47
C LYS B 333 -46.07 9.06 -11.73
N CYS B 334 -45.20 8.29 -12.34
CA CYS B 334 -43.84 8.73 -12.63
C CYS B 334 -43.82 9.20 -14.09
N GLY B 335 -44.02 10.50 -14.32
CA GLY B 335 -44.09 11.05 -15.66
C GLY B 335 -43.06 12.11 -16.00
N ALA B 336 -42.24 12.53 -15.01
CA ALA B 336 -41.22 13.55 -15.24
C ALA B 336 -39.88 12.93 -15.71
N ALA B 337 -38.99 13.73 -16.33
CA ALA B 337 -37.70 13.25 -16.84
C ALA B 337 -36.88 12.64 -15.68
N ILE B 338 -36.34 11.43 -15.88
CA ILE B 338 -35.47 10.81 -14.88
C ILE B 338 -34.06 11.22 -15.26
N ARG B 339 -33.42 12.10 -14.46
CA ARG B 339 -32.10 12.63 -14.84
C ARG B 339 -30.96 11.68 -14.57
N GLN B 340 -31.06 10.97 -13.46
CA GLN B 340 -30.02 10.03 -13.06
C GLN B 340 -30.62 8.91 -12.20
N THR B 341 -29.97 7.75 -12.21
CA THR B 341 -30.32 6.57 -11.46
C THR B 341 -29.08 6.07 -10.71
N SER B 342 -29.30 5.28 -9.68
CA SER B 342 -28.21 4.68 -8.90
C SER B 342 -28.63 3.34 -8.35
N PHE B 343 -27.81 2.32 -8.56
CA PHE B 343 -28.03 1.02 -7.97
C PHE B 343 -27.29 0.99 -6.63
N SER B 344 -27.83 0.28 -5.65
CA SER B 344 -27.12 0.03 -4.40
C SER B 344 -25.96 -0.93 -4.75
N ARG B 345 -24.95 -1.05 -3.88
CA ARG B 345 -23.78 -1.88 -4.17
C ARG B 345 -24.14 -3.33 -4.52
N ASP B 346 -25.12 -3.90 -3.80
CA ASP B 346 -25.50 -5.30 -4.05
C ASP B 346 -26.55 -5.46 -5.15
N SER B 347 -26.85 -4.40 -5.93
CA SER B 347 -27.84 -4.40 -7.01
C SER B 347 -29.30 -4.67 -6.59
N SER B 348 -29.59 -4.79 -5.28
CA SER B 348 -30.97 -5.08 -4.84
C SER B 348 -31.91 -3.90 -4.93
N ILE B 349 -31.37 -2.65 -4.96
CA ILE B 349 -32.21 -1.44 -5.04
C ILE B 349 -31.73 -0.54 -6.18
N LEU B 350 -32.67 0.04 -6.93
CA LEU B 350 -32.41 1.00 -8.01
C LEU B 350 -33.28 2.24 -7.70
N ILE B 351 -32.64 3.41 -7.51
CA ILE B 351 -33.34 4.67 -7.20
C ILE B 351 -33.27 5.56 -8.44
N ALA B 352 -34.38 6.22 -8.79
CA ALA B 352 -34.44 7.17 -9.89
C ALA B 352 -34.85 8.54 -9.34
N VAL B 353 -34.24 9.64 -9.85
CA VAL B 353 -34.59 10.99 -9.41
C VAL B 353 -35.07 11.78 -10.63
N CYS B 354 -36.00 12.71 -10.41
CA CYS B 354 -36.73 13.40 -11.48
C CYS B 354 -36.70 14.93 -11.45
N ASP B 355 -37.10 15.53 -12.59
CA ASP B 355 -37.25 16.96 -12.77
C ASP B 355 -38.30 17.59 -11.85
N ASP B 356 -39.27 16.81 -11.37
CA ASP B 356 -40.33 17.32 -10.47
C ASP B 356 -40.01 17.08 -8.98
N ALA B 357 -38.71 16.84 -8.65
CA ALA B 357 -38.19 16.56 -7.30
C ALA B 357 -38.64 15.23 -6.72
N SER B 358 -39.15 14.31 -7.56
CA SER B 358 -39.56 13.02 -7.05
C SER B 358 -38.42 11.99 -7.08
N ILE B 359 -38.48 11.06 -6.15
CA ILE B 359 -37.51 9.97 -5.95
C ILE B 359 -38.30 8.68 -6.04
N TRP B 360 -37.82 7.69 -6.80
CA TRP B 360 -38.55 6.44 -7.00
C TRP B 360 -37.67 5.27 -6.60
N ARG B 361 -38.22 4.36 -5.81
CA ARG B 361 -37.46 3.20 -5.36
C ARG B 361 -37.97 1.89 -6.02
N TRP B 362 -37.08 1.20 -6.72
CA TRP B 362 -37.36 -0.06 -7.38
C TRP B 362 -36.52 -1.17 -6.72
N ASP B 363 -37.17 -2.17 -6.15
CA ASP B 363 -36.49 -3.28 -5.51
C ASP B 363 -36.43 -4.45 -6.46
N ARG B 364 -35.27 -5.11 -6.54
CA ARG B 364 -35.09 -6.24 -7.44
C ARG B 364 -35.79 -7.51 -6.93
N LEU B 365 -36.57 -8.17 -7.79
CA LEU B 365 -37.27 -9.40 -7.42
C LEU B 365 -36.39 -10.62 -7.66
N SER C 1 -14.03 -14.76 -28.39
CA SER C 1 -15.03 -13.70 -28.39
C SER C 1 -14.48 -12.43 -27.74
N MET C 2 -14.74 -11.26 -28.34
CA MET C 2 -14.34 -9.97 -27.80
C MET C 2 -15.16 -9.70 -26.50
N PHE C 3 -16.43 -10.12 -26.50
CA PHE C 3 -17.33 -9.99 -25.38
C PHE C 3 -16.86 -10.85 -24.19
N SER C 4 -16.58 -12.14 -24.41
CA SER C 4 -16.16 -13.02 -23.32
C SER C 4 -14.86 -12.56 -22.66
N SER C 5 -13.94 -12.03 -23.47
CA SER C 5 -12.65 -11.51 -23.02
C SER C 5 -12.84 -10.22 -22.20
N ASN C 6 -13.72 -9.31 -22.67
CA ASN C 6 -13.98 -8.07 -21.94
C ASN C 6 -14.72 -8.37 -20.63
N ARG C 7 -15.67 -9.32 -20.63
CA ARG C 7 -16.38 -9.73 -19.42
C ARG C 7 -15.42 -10.30 -18.36
N GLN C 8 -14.40 -11.03 -18.80
CA GLN C 8 -13.39 -11.61 -17.91
C GLN C 8 -12.53 -10.53 -17.28
N LYS C 9 -12.19 -9.46 -18.05
CA LYS C 9 -11.43 -8.32 -17.55
C LYS C 9 -12.26 -7.60 -16.50
N ILE C 10 -13.55 -7.34 -16.78
CA ILE C 10 -14.46 -6.73 -15.80
C ILE C 10 -14.55 -7.60 -14.53
N LEU C 11 -14.73 -8.91 -14.70
CA LEU C 11 -14.86 -9.82 -13.55
C LEU C 11 -13.63 -9.77 -12.65
N GLU C 12 -12.43 -9.85 -13.23
CA GLU C 12 -11.18 -9.84 -12.47
C GLU C 12 -10.89 -8.48 -11.82
N ARG C 13 -11.18 -7.38 -12.53
CA ARG C 13 -10.92 -6.05 -12.01
C ARG C 13 -11.94 -5.63 -10.94
N THR C 14 -13.23 -5.95 -11.12
CA THR C 14 -14.22 -5.67 -10.08
C THR C 14 -13.92 -6.57 -8.86
N GLU C 15 -13.42 -7.79 -9.06
CA GLU C 15 -13.08 -8.68 -7.93
C GLU C 15 -11.93 -8.07 -7.12
N ILE C 16 -10.96 -7.43 -7.77
CA ILE C 16 -9.87 -6.73 -7.08
C ILE C 16 -10.46 -5.59 -6.20
N LEU C 17 -11.35 -4.75 -6.77
CA LEU C 17 -12.01 -3.67 -6.03
C LEU C 17 -12.89 -4.21 -4.89
N ASN C 18 -13.57 -5.33 -5.14
CA ASN C 18 -14.44 -5.93 -4.14
C ASN C 18 -13.62 -6.45 -2.97
N GLN C 19 -12.42 -7.01 -3.22
CA GLN C 19 -11.56 -7.48 -2.15
C GLN C 19 -11.01 -6.30 -1.35
N GLU C 20 -10.71 -5.18 -2.02
CA GLU C 20 -10.23 -3.98 -1.32
C GLU C 20 -11.34 -3.41 -0.41
N TRP C 21 -12.58 -3.43 -0.90
CA TRP C 21 -13.75 -3.00 -0.15
C TRP C 21 -13.99 -3.93 1.05
N LYS C 22 -13.87 -5.25 0.86
CA LYS C 22 -14.07 -6.23 1.93
C LYS C 22 -13.12 -6.01 3.10
N GLN C 23 -11.88 -5.57 2.83
CA GLN C 23 -10.90 -5.30 3.88
C GLN C 23 -11.18 -4.02 4.68
N ARG C 24 -12.01 -3.11 4.14
CA ARG C 24 -12.35 -1.85 4.75
C ARG C 24 -13.52 -1.90 5.73
N ARG C 25 -13.54 -0.96 6.67
CA ARG C 25 -14.61 -0.86 7.66
C ARG C 25 -15.01 0.61 7.78
N ILE C 26 -15.62 1.16 6.72
CA ILE C 26 -16.04 2.55 6.73
C ILE C 26 -17.21 2.73 7.71
N GLN C 27 -17.15 3.79 8.53
CA GLN C 27 -18.18 4.09 9.51
C GLN C 27 -19.52 4.37 8.81
N PRO C 28 -20.65 3.88 9.36
CA PRO C 28 -21.94 4.16 8.71
C PRO C 28 -22.34 5.63 8.86
N VAL C 29 -23.09 6.20 7.88
CA VAL C 29 -23.50 7.60 8.01
C VAL C 29 -24.62 7.73 9.03
N SER D 1 14.36 -29.92 -6.58
CA SER D 1 15.24 -29.93 -5.42
C SER D 1 14.74 -28.99 -4.33
N MET D 2 15.08 -29.29 -3.08
CA MET D 2 14.76 -28.41 -1.95
C MET D 2 15.59 -27.11 -2.12
N PHE D 3 16.85 -27.24 -2.57
CA PHE D 3 17.76 -26.13 -2.78
C PHE D 3 17.27 -25.21 -3.89
N SER D 4 16.99 -25.73 -5.10
CA SER D 4 16.57 -24.88 -6.20
C SER D 4 15.25 -24.15 -5.90
N SER D 5 14.35 -24.84 -5.19
CA SER D 5 13.06 -24.28 -4.81
C SER D 5 13.25 -23.14 -3.80
N ASN D 6 14.11 -23.35 -2.79
CA ASN D 6 14.38 -22.31 -1.80
C ASN D 6 15.10 -21.13 -2.43
N ARG D 7 16.07 -21.37 -3.34
CA ARG D 7 16.79 -20.31 -4.04
C ARG D 7 15.83 -19.45 -4.87
N GLN D 8 14.83 -20.08 -5.49
CA GLN D 8 13.84 -19.38 -6.30
C GLN D 8 12.95 -18.47 -5.44
N LYS D 9 12.59 -18.93 -4.22
CA LYS D 9 11.82 -18.15 -3.27
C LYS D 9 12.64 -16.93 -2.85
N ILE D 10 13.94 -17.13 -2.51
CA ILE D 10 14.83 -16.03 -2.17
C ILE D 10 14.94 -15.04 -3.36
N LEU D 11 15.14 -15.54 -4.57
CA LEU D 11 15.27 -14.69 -5.74
C LEU D 11 14.03 -13.79 -5.96
N GLU D 12 12.84 -14.39 -5.90
CA GLU D 12 11.59 -13.66 -6.11
C GLU D 12 11.27 -12.69 -4.99
N ARG D 13 11.54 -13.07 -3.73
CA ARG D 13 11.26 -12.21 -2.58
C ARG D 13 12.27 -11.07 -2.45
N THR D 14 13.57 -11.31 -2.70
CA THR D 14 14.55 -10.23 -2.69
C THR D 14 14.29 -9.29 -3.88
N GLU D 15 13.78 -9.81 -5.02
CA GLU D 15 13.44 -8.95 -6.16
C GLU D 15 12.29 -8.00 -5.79
N ILE D 16 11.32 -8.48 -5.00
CA ILE D 16 10.21 -7.63 -4.51
C ILE D 16 10.79 -6.50 -3.63
N LEU D 17 11.67 -6.84 -2.66
CA LEU D 17 12.31 -5.83 -1.82
C LEU D 17 13.17 -4.86 -2.63
N ASN D 18 13.89 -5.38 -3.62
CA ASN D 18 14.76 -4.57 -4.45
C ASN D 18 13.95 -3.57 -5.26
N GLN D 19 12.77 -3.97 -5.75
CA GLN D 19 11.90 -3.06 -6.50
C GLN D 19 11.33 -1.98 -5.58
N GLU D 20 11.02 -2.33 -4.32
CA GLU D 20 10.51 -1.36 -3.35
C GLU D 20 11.62 -0.34 -3.02
N TRP D 21 12.87 -0.81 -2.88
CA TRP D 21 14.03 0.04 -2.64
C TRP D 21 14.27 0.97 -3.85
N LYS D 22 14.16 0.45 -5.07
CA LYS D 22 14.38 1.23 -6.29
C LYS D 22 13.42 2.42 -6.39
N GLN D 23 12.17 2.26 -5.91
CA GLN D 23 11.17 3.33 -5.93
C GLN D 23 11.43 4.43 -4.89
N ARG D 24 12.29 4.16 -3.91
CA ARG D 24 12.62 5.08 -2.82
C ARG D 24 13.80 6.01 -3.09
N ARG D 25 13.81 7.17 -2.42
CA ARG D 25 14.87 8.18 -2.57
C ARG D 25 15.26 8.70 -1.19
N ILE D 26 15.84 7.83 -0.38
CA ILE D 26 16.26 8.16 0.98
C ILE D 26 17.42 9.15 0.95
N GLN D 27 17.35 10.21 1.78
CA GLN D 27 18.39 11.23 1.86
C GLN D 27 19.72 10.61 2.30
N PRO D 28 20.85 11.03 1.72
CA PRO D 28 22.14 10.46 2.15
C PRO D 28 22.54 10.95 3.54
N VAL D 29 23.40 10.17 4.23
CA VAL D 29 23.91 10.58 5.52
C VAL D 29 25.12 11.51 5.28
CL CL E . -1.63 -15.46 23.74
CL CL F . 20.57 -2.14 9.61
C1 EKR G . 28.38 -8.86 23.56
C2 EKR G . 28.46 -9.06 24.89
C3 EKR G . 27.17 -9.06 25.64
C11 EKR G . 29.83 -9.27 25.54
C12 EKR G . 30.75 -10.14 24.94
C13 EKR G . 32.02 -10.33 25.51
C14 EKR G . 32.38 -9.63 26.67
C15 EKR G . 31.46 -8.76 27.28
C16 EKR G . 30.21 -8.55 26.68
C17 EKR G . 33.75 -9.84 27.33
C19 EKR G . 36.14 -9.96 26.86
C20 EKR G . 34.92 -7.82 26.53
C21 EKR G . 24.66 -8.49 21.59
C22 EKR G . 24.98 -9.73 20.74
C23 EKR G . 24.20 -10.91 20.79
C24 EKR G . 24.50 -12.01 19.98
C25 EKR G . 25.62 -11.99 19.11
C26 EKR G . 26.41 -10.84 19.13
C27 EKR G . 26.10 -9.75 19.92
C28 EKR G . 27.63 -10.45 18.33
C29 EKR G . 28.14 -9.29 19.24
N4 EKR G . 26.05 -8.93 24.98
C5 EKR G . 25.98 -8.78 23.67
N6 EKR G . 27.07 -8.72 22.98
N7 EKR G . 27.03 -9.19 26.90
N8 EKR G . 25.60 -9.15 27.11
C9 EKR G . 25.14 -8.99 25.92
N10 EKR G . 24.81 -8.70 23.05
N18 EKR G . 34.85 -9.30 26.51
O30 EKR G . 26.94 -8.64 19.73
CL CL H . 1.39 18.79 -22.08
CL CL I . -20.61 8.03 -5.53
C1 EKR J . -28.65 19.59 -15.74
C2 EKR J . -28.75 20.81 -16.30
C3 EKR J . -27.48 21.54 -16.52
C11 EKR J . -30.13 21.34 -16.64
C12 EKR J . -31.03 20.45 -17.23
C13 EKR J . -32.34 20.83 -17.53
C14 EKR J . -32.79 22.11 -17.19
C15 EKR J . -31.91 23.01 -16.58
C16 EKR J . -30.58 22.63 -16.29
C17 EKR J . -34.24 22.51 -17.58
C19 EKR J . -36.49 23.16 -16.78
C20 EKR J . -35.51 21.07 -15.93
C21 EKR J . -24.85 17.92 -14.83
C22 EKR J . -25.16 16.78 -15.81
C23 EKR J . -24.37 16.51 -16.95
C24 EKR J . -24.71 15.43 -17.80
C25 EKR J . -25.81 14.59 -17.52
C26 EKR J . -26.58 14.89 -16.38
C27 EKR J . -26.27 15.97 -15.57
C28 EKR J . -27.84 14.24 -15.79
C29 EKR J . -28.30 15.39 -14.85
N4 EKR J . -26.35 20.98 -16.19
C5 EKR J . -26.26 19.77 -15.67
N6 EKR J . -27.33 19.09 -15.43
N7 EKR J . -27.38 22.73 -16.98
N8 EKR J . -25.96 22.96 -16.97
C9 EKR J . -25.47 21.88 -16.49
N10 EKR J . -25.06 19.25 -15.43
N18 EKR J . -35.23 22.43 -16.47
O30 EKR J . -27.10 16.15 -14.48
#